data_8WVB
#
_entry.id   8WVB
#
_cell.length_a   62.041
_cell.length_b   48.671
_cell.length_c   136.049
_cell.angle_alpha   90.00
_cell.angle_beta   91.34
_cell.angle_gamma   90.00
#
_symmetry.space_group_name_H-M   'P 1 21 1'
#
loop_
_entity.id
_entity.type
_entity.pdbx_description
1 polymer 'Putative epoxidase LasC'
2 non-polymer 'FLAVIN-ADENINE DINUCLEOTIDE'
3 non-polymer 'CHLORIDE ION'
4 water water
#
_entity_poly.entity_id   1
_entity_poly.type   'polypeptide(L)'
_entity_poly.pdbx_seq_one_letter_code
;MNHKVHHHHHHIEGRHMTNTRSAVVLGGGMAGMLVSSMLARHVGSVTVIDRDAFPAGPDLRKGVPQARHAHILWSGGARI
VEELLPGTTDRLLGAGAHRIGIPDGQVSYTAYGWQHRFPEAQFMIACSRALLDWTVREETLREERIALVEKTEVLALLGD
AGRVTGVRVRDQESGEEREVPADLVVDTTGRGSPMKRLLAELGLPAPEEEFVDSGMVYATRLFRAPEAAATNFPLVSVHA
DHRAGRPGCNAVLMPIEDGRWIVTVSGTRGGEPPADDEGFARFARDGVRHPLVGELIA(ELY)AQPLTSVERSRSTVNRR
LHYDRLATWPEGLVVLGDAVAAFNPVYGHGMSAAAHSVLALRSQLGQRAFQPGLARAAQRAIAVAVDDAWVLATSHDIGY
PGCRTQTRDPRLTRHAGERQRVTDLVGLTATRNQVVNRAAVALNTLSAGMASMQDPAVMAAVRRGPEVPAPTEPPLRPDE
VARLVSGAGVTA
;
_entity_poly.pdbx_strand_id   A,B
#
loop_
_chem_comp.id
_chem_comp.type
_chem_comp.name
_chem_comp.formula
CL non-polymer 'CHLORIDE ION' 'Cl -1'
FAD non-polymer 'FLAVIN-ADENINE DINUCLEOTIDE' 'C27 H33 N9 O15 P2'
#
# COMPACT_ATOMS: atom_id res chain seq x y z
N THR A 20 39.01 1.85 -7.27
CA THR A 20 38.94 0.84 -6.22
C THR A 20 37.64 0.93 -5.41
N ARG A 21 37.23 -0.20 -4.83
CA ARG A 21 35.99 -0.32 -4.07
C ARG A 21 34.73 -0.10 -4.91
N SER A 22 33.63 -0.72 -4.51
CA SER A 22 32.36 -0.60 -5.23
C SER A 22 31.23 -0.36 -4.24
N ALA A 23 30.21 0.36 -4.70
CA ALA A 23 29.04 0.64 -3.89
C ALA A 23 27.78 0.17 -4.61
N VAL A 24 26.77 -0.22 -3.82
CA VAL A 24 25.47 -0.61 -4.35
C VAL A 24 24.42 0.28 -3.69
N VAL A 25 23.66 1.00 -4.51
CA VAL A 25 22.61 1.90 -4.05
C VAL A 25 21.27 1.27 -4.42
N LEU A 26 20.42 1.07 -3.43
CA LEU A 26 19.10 0.50 -3.64
C LEU A 26 18.09 1.63 -3.85
N GLY A 27 17.52 1.69 -5.05
CA GLY A 27 16.55 2.73 -5.38
C GLY A 27 17.15 3.86 -6.19
N GLY A 28 16.53 4.17 -7.33
CA GLY A 28 17.04 5.20 -8.21
C GLY A 28 16.20 6.45 -8.23
N GLY A 29 15.61 6.80 -7.09
CA GLY A 29 14.85 8.02 -6.96
C GLY A 29 15.74 9.24 -6.80
N MET A 30 15.23 10.24 -6.09
CA MET A 30 16.00 11.47 -5.86
C MET A 30 17.25 11.20 -5.04
N ALA A 31 17.07 10.59 -3.85
CA ALA A 31 18.21 10.34 -2.98
C ALA A 31 19.20 9.35 -3.61
N GLY A 32 18.69 8.34 -4.30
CA GLY A 32 19.58 7.37 -4.92
C GLY A 32 20.45 7.96 -6.01
N MET A 33 19.87 8.86 -6.81
CA MET A 33 20.65 9.51 -7.87
C MET A 33 21.68 10.47 -7.28
N LEU A 34 21.28 11.27 -6.30
CA LEU A 34 22.20 12.24 -5.71
C LEU A 34 23.36 11.54 -5.01
N VAL A 35 23.07 10.48 -4.26
CA VAL A 35 24.13 9.77 -3.56
C VAL A 35 24.95 8.91 -4.51
N SER A 36 24.43 8.64 -5.72
CA SER A 36 25.24 7.95 -6.71
C SER A 36 26.27 8.90 -7.33
N SER A 37 25.84 10.13 -7.63
CA SER A 37 26.76 11.17 -8.06
C SER A 37 27.87 11.39 -7.04
N MET A 38 27.52 11.41 -5.76
CA MET A 38 28.53 11.63 -4.72
C MET A 38 29.44 10.42 -4.56
N LEU A 39 28.89 9.22 -4.55
CA LEU A 39 29.70 8.02 -4.31
C LEU A 39 30.66 7.75 -5.46
N ALA A 40 30.26 8.05 -6.70
CA ALA A 40 31.12 7.78 -7.84
C ALA A 40 32.46 8.52 -7.75
N ARG A 41 32.52 9.60 -6.96
CA ARG A 41 33.75 10.32 -6.74
C ARG A 41 34.59 9.72 -5.62
N HIS A 42 34.11 8.69 -4.94
CA HIS A 42 34.83 8.09 -3.83
C HIS A 42 35.08 6.59 -3.98
N VAL A 43 34.42 5.91 -4.91
CA VAL A 43 34.66 4.49 -5.16
C VAL A 43 34.82 4.27 -6.66
N GLY A 44 35.16 3.03 -7.02
CA GLY A 44 35.43 2.72 -8.42
C GLY A 44 34.20 2.51 -9.27
N SER A 45 33.13 1.97 -8.69
CA SER A 45 31.90 1.73 -9.45
C SER A 45 30.71 1.74 -8.50
N VAL A 46 29.58 2.20 -9.02
CA VAL A 46 28.33 2.27 -8.28
C VAL A 46 27.26 1.55 -9.09
N THR A 47 26.54 0.63 -8.45
CA THR A 47 25.48 -0.12 -9.07
C THR A 47 24.16 0.25 -8.41
N VAL A 48 23.24 0.81 -9.18
CA VAL A 48 21.93 1.24 -8.71
C VAL A 48 20.92 0.15 -9.03
N ILE A 49 20.24 -0.35 -8.01
CA ILE A 49 19.24 -1.42 -8.16
C ILE A 49 17.87 -0.83 -7.90
N ASP A 50 16.97 -1.01 -8.86
CA ASP A 50 15.60 -0.51 -8.76
C ASP A 50 14.64 -1.52 -9.37
N ARG A 51 13.45 -1.62 -8.80
CA ARG A 51 12.44 -2.55 -9.27
C ARG A 51 11.49 -1.94 -10.30
N ASP A 52 11.62 -0.66 -10.60
CA ASP A 52 10.75 0.03 -11.53
C ASP A 52 11.40 0.16 -12.90
N ALA A 53 10.57 0.45 -13.90
CA ALA A 53 11.03 0.78 -15.23
C ALA A 53 11.17 2.30 -15.35
N PHE A 54 12.21 2.74 -16.06
CA PHE A 54 12.49 4.15 -16.14
C PHE A 54 12.22 4.68 -17.55
N PRO A 55 11.57 5.83 -17.66
CA PRO A 55 11.32 6.42 -18.99
C PRO A 55 12.53 7.19 -19.50
N ALA A 56 12.55 7.39 -20.82
CA ALA A 56 13.61 8.14 -21.46
C ALA A 56 13.36 9.65 -21.44
N GLY A 57 12.18 10.09 -21.03
CA GLY A 57 11.87 11.50 -20.94
C GLY A 57 11.21 11.82 -19.62
N PRO A 58 10.87 13.11 -19.42
CA PRO A 58 10.26 13.50 -18.14
C PRO A 58 8.85 12.94 -17.99
N ASP A 59 8.77 11.67 -17.62
CA ASP A 59 7.52 10.92 -17.58
C ASP A 59 7.24 10.43 -16.18
N LEU A 60 5.96 10.25 -15.87
CA LEU A 60 5.58 9.60 -14.63
C LEU A 60 5.94 8.12 -14.69
N ARG A 61 6.28 7.56 -13.52
CA ARG A 61 6.53 6.14 -13.40
C ARG A 61 5.96 5.65 -12.09
N LYS A 62 5.72 4.33 -12.03
CA LYS A 62 5.01 3.77 -10.88
C LYS A 62 5.87 3.76 -9.62
N GLY A 63 7.20 3.77 -9.78
CA GLY A 63 8.07 3.79 -8.62
C GLY A 63 8.07 5.11 -7.87
N VAL A 64 7.66 6.19 -8.52
CA VAL A 64 7.53 7.50 -7.88
C VAL A 64 6.11 8.00 -8.09
N PRO A 65 5.13 7.50 -7.34
CA PRO A 65 3.75 7.98 -7.52
C PRO A 65 3.53 9.41 -7.05
N GLN A 66 4.42 9.95 -6.23
CA GLN A 66 4.24 11.32 -5.72
C GLN A 66 4.50 12.38 -6.78
N ALA A 67 5.03 12.00 -7.95
CA ALA A 67 5.33 12.99 -8.99
C ALA A 67 4.08 13.63 -9.57
N ARG A 68 2.89 13.08 -9.32
CA ARG A 68 1.65 13.69 -9.78
C ARG A 68 1.30 14.96 -9.01
N HIS A 69 1.97 15.23 -7.90
CA HIS A 69 1.61 16.32 -7.00
C HIS A 69 2.71 17.38 -7.00
N ALA A 70 2.35 18.57 -6.51
CA ALA A 70 3.27 19.69 -6.52
C ALA A 70 4.50 19.39 -5.68
N HIS A 71 5.68 19.74 -6.22
CA HIS A 71 6.95 19.52 -5.56
C HIS A 71 7.69 20.84 -5.49
N ILE A 72 8.04 21.27 -4.28
CA ILE A 72 8.81 22.48 -4.04
C ILE A 72 10.24 22.08 -3.71
N LEU A 73 11.20 22.61 -4.48
CA LEU A 73 12.63 22.40 -4.21
C LEU A 73 13.18 23.69 -3.60
N TRP A 74 13.35 23.69 -2.28
CA TRP A 74 13.86 24.86 -1.58
C TRP A 74 15.32 25.11 -1.95
N SER A 75 15.78 26.33 -1.63
CA SER A 75 17.17 26.71 -1.91
C SER A 75 18.16 25.75 -1.25
N GLY A 76 17.85 25.29 -0.03
CA GLY A 76 18.75 24.37 0.65
C GLY A 76 19.05 23.14 -0.18
N GLY A 77 18.00 22.51 -0.72
CA GLY A 77 18.22 21.34 -1.56
C GLY A 77 18.79 21.69 -2.92
N ALA A 78 18.35 22.80 -3.51
CA ALA A 78 18.81 23.17 -4.84
C ALA A 78 20.30 23.47 -4.85
N ARG A 79 20.79 24.15 -3.82
CA ARG A 79 22.22 24.46 -3.75
C ARG A 79 23.05 23.18 -3.67
N ILE A 80 22.59 22.18 -2.92
CA ILE A 80 23.31 20.91 -2.83
C ILE A 80 23.26 20.18 -4.18
N VAL A 81 22.09 20.18 -4.82
CA VAL A 81 21.97 19.56 -6.13
C VAL A 81 22.90 20.23 -7.13
N GLU A 82 22.99 21.57 -7.08
CA GLU A 82 23.86 22.28 -8.00
C GLU A 82 25.33 21.95 -7.74
N GLU A 83 25.69 21.74 -6.46
CA GLU A 83 27.07 21.38 -6.14
C GLU A 83 27.42 19.99 -6.65
N LEU A 84 26.54 19.02 -6.44
CA LEU A 84 26.82 17.65 -6.84
C LEU A 84 26.76 17.50 -8.36
N LEU A 85 25.82 18.18 -9.02
CA LEU A 85 25.61 18.09 -10.46
C LEU A 85 25.59 19.49 -11.04
N PRO A 86 26.76 20.09 -11.28
CA PRO A 86 26.81 21.45 -11.80
C PRO A 86 26.12 21.56 -13.15
N GLY A 87 25.36 22.64 -13.32
CA GLY A 87 24.59 22.87 -14.53
C GLY A 87 23.15 22.41 -14.47
N THR A 88 22.75 21.76 -13.38
CA THR A 88 21.38 21.25 -13.29
C THR A 88 20.36 22.38 -13.23
N THR A 89 20.66 23.43 -12.47
CA THR A 89 19.72 24.54 -12.34
C THR A 89 19.48 25.21 -13.68
N ASP A 90 20.56 25.60 -14.38
CA ASP A 90 20.40 26.23 -15.69
C ASP A 90 19.70 25.29 -16.66
N ARG A 91 20.01 24.00 -16.60
CA ARG A 91 19.32 23.04 -17.45
C ARG A 91 17.84 22.98 -17.11
N LEU A 92 17.50 22.98 -15.82
CA LEU A 92 16.10 22.95 -15.41
C LEU A 92 15.39 24.22 -15.86
N LEU A 93 16.03 25.37 -15.71
CA LEU A 93 15.42 26.62 -16.16
C LEU A 93 15.26 26.65 -17.67
N GLY A 94 16.22 26.11 -18.40
CA GLY A 94 16.09 26.00 -19.85
C GLY A 94 14.92 25.13 -20.29
N ALA A 95 14.53 24.17 -19.46
CA ALA A 95 13.40 23.31 -19.78
C ALA A 95 12.06 23.92 -19.39
N GLY A 96 12.06 25.10 -18.77
CA GLY A 96 10.85 25.79 -18.41
C GLY A 96 10.59 25.91 -16.92
N ALA A 97 11.50 25.43 -16.07
CA ALA A 97 11.31 25.58 -14.63
C ALA A 97 11.35 27.05 -14.24
N HIS A 98 10.80 27.33 -13.05
CA HIS A 98 10.71 28.69 -12.54
C HIS A 98 11.59 28.83 -11.30
N ARG A 99 12.44 29.85 -11.29
CA ARG A 99 13.16 30.25 -10.09
C ARG A 99 12.34 31.33 -9.41
N ILE A 100 11.78 31.00 -8.25
CA ILE A 100 10.86 31.88 -7.53
C ILE A 100 11.56 32.37 -6.27
N GLY A 101 11.74 33.68 -6.17
CA GLY A 101 12.37 34.24 -4.98
C GLY A 101 11.46 34.16 -3.77
N ILE A 102 12.09 34.10 -2.60
CA ILE A 102 11.39 34.03 -1.32
C ILE A 102 11.89 35.18 -0.46
N PRO A 103 11.00 36.05 0.06
CA PRO A 103 9.54 35.98 -0.10
C PRO A 103 9.01 36.90 -1.19
N ASP A 104 9.91 37.47 -2.00
CA ASP A 104 9.49 38.44 -3.02
C ASP A 104 8.50 37.82 -4.00
N GLY A 105 8.72 36.57 -4.40
CA GLY A 105 7.88 35.95 -5.39
C GLY A 105 6.82 35.02 -4.83
N GLN A 106 6.43 35.21 -3.57
CA GLN A 106 5.42 34.35 -2.96
C GLN A 106 4.28 35.19 -2.40
N VAL A 107 3.06 34.67 -2.54
CA VAL A 107 1.86 35.26 -1.96
C VAL A 107 1.29 34.22 -1.03
N SER A 108 1.59 34.34 0.27
CA SER A 108 1.18 33.36 1.26
C SER A 108 0.30 34.01 2.32
N TYR A 109 -0.88 33.44 2.52
CA TYR A 109 -1.70 33.77 3.68
C TYR A 109 -1.21 32.86 4.80
N THR A 110 -0.24 33.37 5.55
CA THR A 110 0.38 32.62 6.62
C THR A 110 -0.60 32.44 7.78
N ALA A 111 -0.31 31.46 8.66
CA ALA A 111 -1.11 31.27 9.86
C ALA A 111 -1.22 32.54 10.70
N TYR A 112 -0.29 33.49 10.53
CA TYR A 112 -0.30 34.75 11.26
C TYR A 112 -0.74 35.93 10.41
N GLY A 113 -1.09 35.72 9.15
CA GLY A 113 -1.50 36.78 8.25
C GLY A 113 -0.66 36.79 6.98
N TRP A 114 -1.04 37.70 6.07
CA TRP A 114 -0.32 37.81 4.81
C TRP A 114 1.14 38.16 5.03
N GLN A 115 2.03 37.47 4.33
CA GLN A 115 3.45 37.76 4.41
C GLN A 115 3.79 38.94 3.51
N HIS A 116 4.44 39.96 4.08
CA HIS A 116 4.90 41.09 3.28
C HIS A 116 6.01 40.64 2.36
N ARG A 117 5.91 40.98 1.08
CA ARG A 117 6.84 40.49 0.06
C ARG A 117 8.10 41.34 0.08
N PHE A 118 8.95 41.07 1.06
CA PHE A 118 10.26 41.69 1.19
C PHE A 118 11.15 41.28 0.02
N PRO A 119 12.27 41.96 -0.20
CA PRO A 119 13.21 41.54 -1.24
C PRO A 119 13.71 40.12 -1.02
N GLU A 120 14.33 39.57 -2.07
CA GLU A 120 14.76 38.18 -2.07
C GLU A 120 15.73 37.89 -0.93
N ALA A 121 15.42 36.86 -0.15
CA ALA A 121 16.32 36.30 0.85
C ALA A 121 16.73 34.88 0.50
N GLN A 122 15.77 34.04 0.11
CA GLN A 122 16.04 32.70 -0.37
C GLN A 122 15.40 32.52 -1.74
N PHE A 123 15.40 31.29 -2.26
CA PHE A 123 14.73 31.01 -3.51
C PHE A 123 14.22 29.57 -3.52
N MET A 124 13.41 29.26 -4.52
CA MET A 124 12.93 27.91 -4.75
C MET A 124 12.85 27.66 -6.25
N ILE A 125 12.93 26.38 -6.62
CA ILE A 125 12.82 25.95 -8.01
C ILE A 125 11.46 25.28 -8.17
N ALA A 126 10.73 25.67 -9.20
CA ALA A 126 9.35 25.22 -9.43
C ALA A 126 9.28 24.53 -10.77
N CYS A 127 9.06 23.21 -10.75
CA CYS A 127 8.90 22.41 -11.95
C CYS A 127 8.14 21.15 -11.57
N SER A 128 7.68 20.43 -12.58
CA SER A 128 7.08 19.13 -12.34
C SER A 128 8.13 18.17 -11.78
N ARG A 129 7.71 17.30 -10.88
CA ARG A 129 8.63 16.34 -10.27
C ARG A 129 9.18 15.38 -11.31
N ALA A 130 8.41 15.08 -12.35
CA ALA A 130 8.90 14.22 -13.42
C ALA A 130 10.06 14.86 -14.17
N LEU A 131 9.98 16.17 -14.42
CA LEU A 131 11.07 16.86 -15.10
C LEU A 131 12.31 16.92 -14.22
N LEU A 132 12.12 17.15 -12.92
CA LEU A 132 13.27 17.22 -12.01
C LEU A 132 13.96 15.86 -11.89
N ASP A 133 13.18 14.78 -11.79
CA ASP A 133 13.76 13.45 -11.70
C ASP A 133 14.53 13.07 -12.96
N TRP A 134 13.97 13.38 -14.13
CA TRP A 134 14.66 13.05 -15.38
C TRP A 134 15.92 13.88 -15.56
N THR A 135 15.86 15.16 -15.18
CA THR A 135 17.03 16.02 -15.31
C THR A 135 18.16 15.56 -14.40
N VAL A 136 17.83 15.23 -13.14
CA VAL A 136 18.85 14.78 -12.20
C VAL A 136 19.44 13.46 -12.66
N ARG A 137 18.61 12.55 -13.18
CA ARG A 137 19.12 11.25 -13.59
C ARG A 137 20.02 11.36 -14.81
N GLU A 138 19.65 12.22 -15.77
CA GLU A 138 20.49 12.43 -16.94
C GLU A 138 21.87 12.94 -16.56
N GLU A 139 21.92 13.93 -15.67
CA GLU A 139 23.21 14.46 -15.26
C GLU A 139 24.00 13.44 -14.44
N THR A 140 23.31 12.70 -13.57
CA THR A 140 24.00 11.72 -12.74
C THR A 140 24.59 10.59 -13.57
N LEU A 141 23.86 10.13 -14.58
CA LEU A 141 24.27 9.00 -15.39
C LEU A 141 25.25 9.40 -16.50
N ARG A 142 25.69 10.65 -16.54
CA ARG A 142 26.75 11.00 -17.50
C ARG A 142 28.06 10.35 -17.09
N GLU A 143 28.26 10.11 -15.80
CA GLU A 143 29.38 9.31 -15.31
C GLU A 143 29.16 7.84 -15.67
N GLU A 144 30.04 7.31 -16.53
CA GLU A 144 29.86 5.94 -17.01
C GLU A 144 30.03 4.90 -15.90
N ARG A 145 30.74 5.22 -14.84
CA ARG A 145 30.99 4.28 -13.76
C ARG A 145 29.78 4.07 -12.85
N ILE A 146 28.67 4.76 -13.12
CA ILE A 146 27.40 4.52 -12.44
C ILE A 146 26.50 3.74 -13.39
N ALA A 147 25.95 2.63 -12.91
CA ALA A 147 25.08 1.79 -13.71
C ALA A 147 23.73 1.67 -13.03
N LEU A 148 22.66 1.90 -13.78
CA LEU A 148 21.29 1.79 -13.29
C LEU A 148 20.71 0.46 -13.77
N VAL A 149 20.35 -0.39 -12.83
CA VAL A 149 19.82 -1.73 -13.11
C VAL A 149 18.32 -1.68 -12.82
N GLU A 150 17.51 -1.64 -13.87
CA GLU A 150 16.07 -1.43 -13.72
C GLU A 150 15.34 -2.76 -13.48
N LYS A 151 14.08 -2.63 -13.08
CA LYS A 151 13.16 -3.75 -12.90
C LYS A 151 13.85 -4.95 -12.27
N THR A 152 14.46 -4.72 -11.12
CA THR A 152 15.18 -5.76 -10.42
C THR A 152 14.79 -5.72 -8.95
N GLU A 153 14.44 -6.87 -8.41
CA GLU A 153 14.00 -6.97 -7.03
C GLU A 153 15.19 -7.15 -6.11
N VAL A 154 15.03 -6.71 -4.86
CA VAL A 154 16.06 -6.80 -3.84
C VAL A 154 15.66 -7.91 -2.88
N LEU A 155 16.43 -9.01 -2.89
CA LEU A 155 16.06 -10.19 -2.13
C LEU A 155 16.64 -10.18 -0.71
N ALA A 156 17.94 -9.95 -0.58
CA ALA A 156 18.58 -10.05 0.73
C ALA A 156 19.91 -9.32 0.72
N LEU A 157 20.37 -8.97 1.92
CA LEU A 157 21.67 -8.36 2.11
C LEU A 157 22.70 -9.47 2.33
N LEU A 158 23.82 -9.38 1.62
CA LEU A 158 24.89 -10.35 1.78
C LEU A 158 25.73 -10.02 3.01
N GLY A 159 26.33 -11.06 3.58
CA GLY A 159 27.18 -10.88 4.75
C GLY A 159 26.52 -11.39 6.01
N ASP A 160 26.59 -10.61 7.09
CA ASP A 160 25.94 -10.97 8.33
C ASP A 160 25.67 -9.69 9.12
N ALA A 161 25.25 -9.85 10.38
CA ALA A 161 24.94 -8.72 11.24
C ALA A 161 26.17 -7.92 11.64
N GLY A 162 27.37 -8.33 11.23
CA GLY A 162 28.57 -7.58 11.55
C GLY A 162 29.11 -6.80 10.38
N ARG A 163 28.85 -7.26 9.17
CA ARG A 163 29.32 -6.56 7.98
C ARG A 163 28.47 -6.98 6.79
N VAL A 164 27.88 -6.00 6.11
CA VAL A 164 27.16 -6.23 4.87
C VAL A 164 28.16 -6.20 3.73
N THR A 165 28.09 -7.19 2.84
CA THR A 165 29.05 -7.34 1.76
C THR A 165 28.41 -7.27 0.38
N GLY A 166 27.17 -6.84 0.28
CA GLY A 166 26.49 -6.76 -0.99
C GLY A 166 25.03 -7.15 -0.86
N VAL A 167 24.38 -7.33 -2.00
CA VAL A 167 22.96 -7.62 -2.06
C VAL A 167 22.73 -8.78 -3.03
N ARG A 168 21.75 -9.61 -2.71
CA ARG A 168 21.24 -10.61 -3.64
C ARG A 168 20.01 -10.04 -4.33
N VAL A 169 20.00 -10.06 -5.66
CA VAL A 169 18.95 -9.44 -6.46
C VAL A 169 18.34 -10.50 -7.36
N ARG A 170 17.22 -10.13 -7.99
CA ARG A 170 16.52 -11.01 -8.91
C ARG A 170 15.99 -10.20 -10.10
N ASP A 171 16.33 -10.64 -11.31
CA ASP A 171 15.76 -10.06 -12.50
C ASP A 171 14.29 -10.47 -12.62
N GLN A 172 13.44 -9.51 -12.97
CA GLN A 172 12.01 -9.76 -12.99
C GLN A 172 11.58 -10.55 -14.21
N GLU A 173 12.23 -10.34 -15.36
CA GLU A 173 11.83 -11.04 -16.58
C GLU A 173 12.19 -12.52 -16.51
N SER A 174 13.40 -12.84 -16.05
CA SER A 174 13.89 -14.21 -16.01
C SER A 174 13.55 -14.91 -14.69
N GLY A 175 13.63 -14.19 -13.57
CA GLY A 175 13.54 -14.82 -12.27
C GLY A 175 14.85 -15.29 -11.70
N GLU A 176 15.96 -15.06 -12.40
CA GLU A 176 17.28 -15.49 -11.95
C GLU A 176 17.78 -14.60 -10.82
N GLU A 177 18.52 -15.20 -9.91
CA GLU A 177 19.10 -14.51 -8.76
C GLU A 177 20.61 -14.47 -8.90
N ARG A 178 21.19 -13.31 -8.58
CA ARG A 178 22.63 -13.12 -8.62
C ARG A 178 23.05 -12.30 -7.41
N GLU A 179 24.34 -12.37 -7.09
CA GLU A 179 24.92 -11.61 -5.99
C GLU A 179 25.68 -10.41 -6.53
N VAL A 180 25.34 -9.23 -6.02
CA VAL A 180 26.04 -7.99 -6.36
C VAL A 180 26.91 -7.62 -5.17
N PRO A 181 28.23 -7.76 -5.26
CA PRO A 181 29.09 -7.43 -4.11
C PRO A 181 29.36 -5.95 -4.02
N ALA A 182 29.60 -5.49 -2.79
CA ALA A 182 29.80 -4.07 -2.55
C ALA A 182 30.51 -3.89 -1.21
N ASP A 183 31.36 -2.86 -1.17
CA ASP A 183 31.95 -2.44 0.10
C ASP A 183 30.99 -1.59 0.93
N LEU A 184 30.01 -0.95 0.29
CA LEU A 184 29.03 -0.11 0.96
C LEU A 184 27.68 -0.29 0.28
N VAL A 185 26.64 -0.51 1.07
CA VAL A 185 25.27 -0.64 0.57
C VAL A 185 24.45 0.52 1.13
N VAL A 186 23.95 1.37 0.23
CA VAL A 186 23.15 2.53 0.61
C VAL A 186 21.70 2.24 0.24
N ASP A 187 20.81 2.33 1.23
CA ASP A 187 19.38 2.11 1.02
C ASP A 187 18.70 3.46 0.81
N THR A 188 18.22 3.70 -0.41
CA THR A 188 17.42 4.86 -0.76
C THR A 188 16.17 4.44 -1.49
N THR A 189 15.47 3.44 -0.94
CA THR A 189 14.28 2.89 -1.56
C THR A 189 13.00 3.64 -1.18
N GLY A 190 13.11 4.73 -0.43
CA GLY A 190 11.97 5.59 -0.18
C GLY A 190 11.08 5.11 0.95
N ARG A 191 9.82 5.56 0.91
CA ARG A 191 8.88 5.27 1.98
C ARG A 191 8.57 3.78 2.08
N GLY A 192 8.57 3.07 0.95
CA GLY A 192 8.29 1.65 0.96
C GLY A 192 9.52 0.80 1.09
N SER A 193 10.51 1.30 1.82
CA SER A 193 11.80 0.62 1.91
C SER A 193 11.62 -0.72 2.62
N PRO A 194 12.25 -1.79 2.13
CA PRO A 194 12.12 -3.10 2.78
C PRO A 194 13.21 -3.36 3.81
N MET A 195 13.84 -2.29 4.31
CA MET A 195 15.01 -2.46 5.16
C MET A 195 14.68 -3.17 6.47
N LYS A 196 13.46 -2.98 6.98
CA LYS A 196 13.06 -3.69 8.19
C LYS A 196 13.07 -5.20 7.98
N ARG A 197 12.52 -5.66 6.86
CA ARG A 197 12.57 -7.08 6.54
C ARG A 197 13.99 -7.54 6.26
N LEU A 198 14.73 -6.79 5.44
CA LEU A 198 16.10 -7.17 5.10
C LEU A 198 16.97 -7.30 6.33
N LEU A 199 16.71 -6.49 7.37
CA LEU A 199 17.50 -6.58 8.59
C LEU A 199 17.05 -7.75 9.47
N ALA A 200 15.76 -8.09 9.44
CA ALA A 200 15.29 -9.21 10.25
C ALA A 200 15.85 -10.53 9.74
N GLU A 201 15.97 -10.67 8.42
CA GLU A 201 16.62 -11.84 7.86
C GLU A 201 18.11 -11.86 8.18
N LEU A 202 18.69 -10.70 8.48
CA LEU A 202 20.08 -10.64 8.91
C LEU A 202 20.26 -10.92 10.39
N GLY A 203 19.16 -10.98 11.16
CA GLY A 203 19.21 -11.30 12.57
C GLY A 203 19.09 -10.12 13.51
N LEU A 204 19.04 -8.90 13.00
CA LEU A 204 19.03 -7.77 13.91
C LEU A 204 17.61 -7.32 14.21
N PRO A 205 17.36 -6.82 15.41
CA PRO A 205 16.01 -6.37 15.79
C PRO A 205 15.57 -5.16 14.97
N ALA A 206 14.31 -4.78 15.18
CA ALA A 206 13.69 -3.69 14.47
C ALA A 206 14.03 -2.35 15.13
N PRO A 207 14.24 -1.30 14.33
CA PRO A 207 14.58 0.00 14.92
C PRO A 207 13.37 0.68 15.53
N GLU A 208 13.66 1.61 16.43
CA GLU A 208 12.61 2.40 17.05
C GLU A 208 11.92 3.27 16.02
N GLU A 209 10.58 3.24 16.02
CA GLU A 209 9.76 3.92 15.03
C GLU A 209 9.05 5.11 15.66
N GLU A 210 9.32 6.30 15.14
CA GLU A 210 8.67 7.53 15.58
C GLU A 210 7.79 8.05 14.46
N PHE A 211 6.52 8.33 14.77
CA PHE A 211 5.64 8.88 13.76
C PHE A 211 4.65 9.87 14.37
N VAL A 212 4.25 10.85 13.56
CA VAL A 212 3.21 11.81 13.89
C VAL A 212 2.27 11.86 12.69
N ASP A 213 1.06 11.32 12.86
CA ASP A 213 0.10 11.13 11.77
C ASP A 213 -1.06 12.10 11.93
N SER A 214 -1.11 13.12 11.07
CA SER A 214 -2.22 14.08 11.07
C SER A 214 -3.35 13.67 10.14
N GLY A 215 -3.20 12.59 9.38
CA GLY A 215 -4.22 12.19 8.44
C GLY A 215 -4.34 13.06 7.21
N MET A 216 -3.28 13.78 6.86
CA MET A 216 -3.33 14.73 5.76
C MET A 216 -3.53 14.02 4.43
N VAL A 217 -4.40 14.58 3.59
CA VAL A 217 -4.72 14.03 2.27
C VAL A 217 -4.51 15.12 1.22
N TYR A 218 -3.78 14.78 0.17
CA TYR A 218 -3.53 15.71 -0.93
C TYR A 218 -4.58 15.55 -2.03
N ALA A 219 -4.81 16.63 -2.78
CA ALA A 219 -5.66 16.59 -3.96
C ALA A 219 -5.12 17.58 -4.96
N THR A 220 -4.77 17.09 -6.15
CA THR A 220 -4.02 17.88 -7.13
C THR A 220 -4.75 17.91 -8.47
N ARG A 221 -4.75 19.09 -9.09
CA ARG A 221 -5.23 19.26 -10.45
C ARG A 221 -4.23 20.12 -11.22
N LEU A 222 -4.10 19.84 -12.52
CA LEU A 222 -3.27 20.63 -13.40
C LEU A 222 -4.12 21.61 -14.19
N PHE A 223 -3.62 22.83 -14.35
CA PHE A 223 -4.34 23.89 -15.04
C PHE A 223 -3.42 24.54 -16.07
N ARG A 224 -4.05 25.10 -17.12
CA ARG A 224 -3.33 25.88 -18.11
C ARG A 224 -3.42 27.35 -17.70
N ALA A 225 -2.28 27.95 -17.36
CA ALA A 225 -2.26 29.31 -16.89
C ALA A 225 -2.68 30.27 -17.99
N PRO A 226 -3.26 31.42 -17.64
CA PRO A 226 -3.51 32.45 -18.65
C PRO A 226 -2.22 32.83 -19.38
N GLU A 227 -2.36 33.14 -20.67
CA GLU A 227 -1.20 33.26 -21.55
C GLU A 227 -0.16 34.22 -20.98
N ALA A 228 -0.59 35.42 -20.58
CA ALA A 228 0.35 36.42 -20.08
C ALA A 228 0.95 36.06 -18.73
N ALA A 229 0.40 35.07 -18.03
CA ALA A 229 0.90 34.66 -16.73
C ALA A 229 1.71 33.36 -16.77
N ALA A 230 2.04 32.86 -17.95
CA ALA A 230 2.87 31.66 -18.02
C ALA A 230 4.29 31.91 -17.54
N THR A 231 4.71 33.16 -17.57
CA THR A 231 6.02 33.59 -17.12
C THR A 231 5.88 34.52 -15.92
N ASN A 232 6.80 34.39 -14.97
CA ASN A 232 6.99 35.41 -13.93
C ASN A 232 5.83 35.42 -12.93
N PHE A 233 5.16 34.29 -12.76
CA PHE A 233 4.03 34.36 -11.84
C PHE A 233 4.43 33.86 -10.46
N PRO A 234 3.94 34.50 -9.39
CA PRO A 234 4.40 34.12 -8.05
C PRO A 234 3.76 32.83 -7.55
N LEU A 235 4.48 32.19 -6.62
CA LEU A 235 3.92 31.07 -5.87
C LEU A 235 2.84 31.59 -4.92
N VAL A 236 1.65 30.97 -4.98
CA VAL A 236 0.51 31.39 -4.17
C VAL A 236 0.13 30.25 -3.24
N SER A 237 0.08 30.53 -1.94
CA SER A 237 -0.17 29.52 -0.92
C SER A 237 -1.15 30.09 0.09
N VAL A 238 -2.16 29.30 0.45
CA VAL A 238 -3.06 29.62 1.55
C VAL A 238 -2.89 28.54 2.61
N HIS A 239 -2.31 28.91 3.75
CA HIS A 239 -1.94 28.00 4.81
C HIS A 239 -3.04 27.90 5.87
N ALA A 240 -3.01 26.80 6.60
CA ALA A 240 -3.88 26.64 7.76
C ALA A 240 -3.30 27.35 8.97
N ASP A 241 -4.13 27.49 10.00
CA ASP A 241 -3.72 28.04 11.30
C ASP A 241 -3.50 26.86 12.24
N HIS A 242 -2.24 26.47 12.44
CA HIS A 242 -1.92 25.33 13.28
C HIS A 242 -2.24 25.56 14.76
N ARG A 243 -2.52 26.80 15.15
CA ARG A 243 -2.94 27.08 16.52
C ARG A 243 -4.44 26.91 16.73
N ALA A 244 -5.22 27.02 15.66
CA ALA A 244 -6.66 26.83 15.74
C ALA A 244 -7.02 25.37 15.94
N GLY A 245 -8.18 25.15 16.58
CA GLY A 245 -8.65 23.80 16.86
C GLY A 245 -9.52 23.21 15.75
N ARG A 246 -9.28 23.64 14.52
CA ARG A 246 -10.00 23.12 13.37
C ARG A 246 -9.05 22.34 12.45
N PRO A 247 -9.56 21.41 11.66
CA PRO A 247 -8.69 20.65 10.74
C PRO A 247 -7.91 21.57 9.81
N GLY A 248 -6.61 21.30 9.68
CA GLY A 248 -5.76 22.15 8.89
C GLY A 248 -5.87 21.89 7.39
N CYS A 249 -6.28 22.91 6.65
CA CYS A 249 -6.46 22.82 5.20
C CYS A 249 -5.56 23.84 4.52
N ASN A 250 -4.88 23.40 3.46
CA ASN A 250 -3.99 24.26 2.70
C ASN A 250 -4.36 24.24 1.23
N ALA A 251 -3.92 25.28 0.51
CA ALA A 251 -4.11 25.37 -0.94
C ALA A 251 -2.90 26.10 -1.52
N VAL A 252 -2.24 25.46 -2.49
CA VAL A 252 -1.01 26.00 -3.08
C VAL A 252 -1.16 26.05 -4.59
N LEU A 253 -0.72 27.16 -5.18
CA LEU A 253 -0.68 27.32 -6.63
C LEU A 253 0.77 27.56 -7.04
N MET A 254 1.33 26.65 -7.84
CA MET A 254 2.73 26.70 -8.22
C MET A 254 2.85 26.66 -9.74
N PRO A 255 3.54 27.63 -10.35
CA PRO A 255 3.78 27.55 -11.79
C PRO A 255 4.84 26.51 -12.11
N ILE A 256 4.59 25.73 -13.15
CA ILE A 256 5.55 24.75 -13.63
C ILE A 256 5.83 25.01 -15.11
N GLU A 257 6.65 24.16 -15.72
CA GLU A 257 7.07 24.36 -17.10
C GLU A 257 5.89 24.25 -18.06
N ASP A 258 6.09 24.80 -19.26
CA ASP A 258 5.13 24.72 -20.36
C ASP A 258 3.83 25.45 -20.03
N GLY A 259 3.91 26.54 -19.27
CA GLY A 259 2.77 27.39 -19.04
C GLY A 259 1.63 26.79 -18.24
N ARG A 260 1.90 25.80 -17.39
CA ARG A 260 0.86 25.15 -16.62
C ARG A 260 0.95 25.57 -15.15
N TRP A 261 -0.15 25.36 -14.45
CA TRP A 261 -0.24 25.58 -13.02
C TRP A 261 -0.59 24.25 -12.36
N ILE A 262 0.19 23.85 -11.36
CA ILE A 262 -0.15 22.70 -10.53
C ILE A 262 -0.76 23.24 -9.25
N VAL A 263 -1.99 22.80 -8.95
CA VAL A 263 -2.75 23.30 -7.83
C VAL A 263 -2.99 22.14 -6.88
N THR A 264 -2.46 22.23 -5.67
CA THR A 264 -2.59 21.18 -4.67
C THR A 264 -3.35 21.74 -3.47
N VAL A 265 -4.44 21.08 -3.11
CA VAL A 265 -5.16 21.36 -1.88
C VAL A 265 -4.97 20.18 -0.94
N SER A 266 -5.14 20.43 0.35
CA SER A 266 -4.86 19.41 1.35
C SER A 266 -5.68 19.67 2.60
N GLY A 267 -5.88 18.61 3.39
CA GLY A 267 -6.58 18.73 4.65
C GLY A 267 -6.28 17.54 5.54
N THR A 268 -6.27 17.79 6.83
CA THR A 268 -6.01 16.74 7.81
C THR A 268 -7.29 15.95 8.04
N ARG A 269 -7.31 15.09 9.06
CA ARG A 269 -8.47 14.25 9.30
C ARG A 269 -9.68 15.08 9.69
N GLY A 270 -10.83 14.73 9.11
CA GLY A 270 -12.07 15.47 9.26
C GLY A 270 -12.24 16.63 8.29
N GLY A 271 -11.24 16.88 7.43
CA GLY A 271 -11.34 17.96 6.47
C GLY A 271 -10.65 17.61 5.16
N GLU A 272 -10.66 16.34 4.80
CA GLU A 272 -9.90 15.89 3.65
C GLU A 272 -10.55 16.38 2.36
N PRO A 273 -9.75 16.79 1.37
CA PRO A 273 -10.32 17.30 0.12
C PRO A 273 -10.94 16.17 -0.69
N PRO A 274 -11.99 16.46 -1.44
CA PRO A 274 -12.70 15.41 -2.19
C PRO A 274 -11.93 14.96 -3.42
N ALA A 275 -12.46 13.91 -4.05
CA ALA A 275 -11.85 13.30 -5.22
C ALA A 275 -12.41 13.79 -6.55
N ASP A 276 -13.53 14.49 -6.54
CA ASP A 276 -14.18 14.94 -7.77
C ASP A 276 -13.76 16.36 -8.14
N ASP A 277 -13.94 16.69 -9.42
CA ASP A 277 -13.54 18.00 -9.92
C ASP A 277 -14.38 19.12 -9.31
N GLU A 278 -15.69 18.90 -9.20
CA GLU A 278 -16.58 19.94 -8.66
C GLU A 278 -16.16 20.34 -7.25
N GLY A 279 -15.96 19.36 -6.37
CA GLY A 279 -15.56 19.64 -5.00
C GLY A 279 -14.17 20.22 -4.87
N PHE A 280 -13.32 20.02 -5.88
CA PHE A 280 -11.96 20.54 -5.83
C PHE A 280 -11.96 22.06 -5.78
N ALA A 281 -12.66 22.69 -6.72
CA ALA A 281 -12.70 24.15 -6.76
C ALA A 281 -13.42 24.72 -5.54
N ARG A 282 -14.45 24.02 -5.06
CA ARG A 282 -15.13 24.46 -3.84
C ARG A 282 -14.18 24.46 -2.65
N PHE A 283 -13.35 23.43 -2.55
CA PHE A 283 -12.38 23.36 -1.46
C PHE A 283 -11.36 24.51 -1.55
N ALA A 284 -10.87 24.80 -2.76
CA ALA A 284 -9.92 25.88 -2.93
C ALA A 284 -10.51 27.24 -2.58
N ARG A 285 -11.83 27.39 -2.62
CA ARG A 285 -12.48 28.65 -2.33
C ARG A 285 -12.99 28.74 -0.88
N ASP A 286 -13.64 27.69 -0.38
CA ASP A 286 -14.26 27.75 0.93
C ASP A 286 -13.71 26.74 1.93
N GLY A 287 -12.89 25.78 1.50
CA GLY A 287 -12.30 24.85 2.44
C GLY A 287 -11.12 25.39 3.20
N VAL A 288 -10.49 26.45 2.69
CA VAL A 288 -9.30 27.03 3.31
C VAL A 288 -9.65 28.40 3.87
N ARG A 289 -8.68 29.05 4.50
CA ARG A 289 -8.94 30.29 5.22
C ARG A 289 -9.06 31.51 4.32
N HIS A 290 -8.68 31.41 3.04
CA HIS A 290 -8.81 32.51 2.11
C HIS A 290 -9.01 31.95 0.71
N PRO A 291 -9.92 32.52 -0.09
CA PRO A 291 -10.25 31.90 -1.39
C PRO A 291 -9.39 32.38 -2.55
N LEU A 292 -8.18 32.86 -2.29
CA LEU A 292 -7.34 33.40 -3.36
C LEU A 292 -7.05 32.34 -4.41
N VAL A 293 -6.64 31.14 -3.98
CA VAL A 293 -6.32 30.08 -4.92
C VAL A 293 -7.56 29.70 -5.73
N GLY A 294 -8.72 29.58 -5.05
CA GLY A 294 -9.96 29.31 -5.76
C GLY A 294 -10.29 30.39 -6.78
N GLU A 295 -10.02 31.65 -6.45
CA GLU A 295 -10.27 32.73 -7.39
C GLU A 295 -9.33 32.64 -8.59
N LEU A 296 -8.08 32.21 -8.36
CA LEU A 296 -7.10 32.19 -9.44
C LEU A 296 -7.38 31.09 -10.45
N ILE A 297 -7.72 29.88 -9.96
CA ILE A 297 -7.90 28.74 -10.86
C ILE A 297 -9.06 28.96 -11.82
N ALA A 298 -10.06 29.76 -11.42
CA ALA A 298 -11.18 30.06 -12.28
C ALA A 298 -10.78 31.00 -13.41
C ELY A 299 -8.16 31.15 -15.63
N ELY A 299 -9.46 31.50 -13.60
O ELY A 299 -7.84 31.47 -16.81
CA ELY A 299 -8.88 32.20 -14.78
CB ELY A 299 -7.92 33.30 -14.31
CD ELY A 299 -9.71 35.15 -13.72
CE ELY A 299 -9.89 36.44 -12.93
CG ELY A 299 -8.43 34.41 -13.37
NZ ELY A 299 -11.11 37.21 -13.26
CH1 ELY A 299 -11.11 37.74 -14.66
CH2 ELY A 299 -11.12 38.41 -12.38
CT1 ELY A 299 -12.13 37.13 -15.58
CT2 ELY A 299 -12.35 39.26 -12.52
N ALA A 300 -8.46 29.79 -15.34
CA ALA A 300 -7.54 28.90 -16.03
C ALA A 300 -8.27 27.66 -16.51
N GLN A 301 -7.70 26.97 -17.51
CA GLN A 301 -8.35 25.80 -18.08
C GLN A 301 -7.84 24.56 -17.38
N PRO A 302 -8.70 23.78 -16.72
CA PRO A 302 -8.25 22.54 -16.08
C PRO A 302 -7.80 21.53 -17.14
N LEU A 303 -6.73 20.80 -16.82
CA LEU A 303 -6.17 19.84 -17.76
C LEU A 303 -6.23 18.39 -17.30
N THR A 304 -6.33 18.13 -16.00
CA THR A 304 -6.30 16.78 -15.46
C THR A 304 -7.41 16.62 -14.43
N SER A 305 -7.79 15.38 -14.18
CA SER A 305 -8.72 15.10 -13.09
C SER A 305 -8.00 15.15 -11.75
N VAL A 306 -8.79 15.10 -10.68
CA VAL A 306 -8.24 15.16 -9.34
C VAL A 306 -7.50 13.87 -9.04
N GLU A 307 -6.27 13.98 -8.56
CA GLU A 307 -5.51 12.84 -8.07
C GLU A 307 -5.14 13.09 -6.61
N ARG A 308 -5.38 12.09 -5.77
CA ARG A 308 -5.18 12.20 -4.34
C ARG A 308 -3.98 11.38 -3.89
N SER A 309 -3.47 11.72 -2.70
CA SER A 309 -2.39 11.00 -2.07
C SER A 309 -2.62 10.99 -0.56
N ARG A 310 -2.26 9.89 0.08
CA ARG A 310 -2.37 9.78 1.54
C ARG A 310 -1.02 9.55 2.19
N SER A 311 0.07 9.81 1.49
CA SER A 311 1.42 9.62 2.03
C SER A 311 1.89 10.93 2.65
N THR A 312 1.40 11.18 3.87
CA THR A 312 1.68 12.44 4.55
C THR A 312 2.11 12.24 6.00
N VAL A 313 2.40 11.02 6.42
CA VAL A 313 2.79 10.75 7.80
C VAL A 313 4.25 11.14 7.98
N ASN A 314 4.54 11.87 9.05
CA ASN A 314 5.91 12.10 9.48
C ASN A 314 6.41 10.84 10.17
N ARG A 315 7.33 10.13 9.53
CA ARG A 315 7.81 8.84 10.03
C ARG A 315 9.33 8.88 10.10
N ARG A 316 9.89 8.45 11.22
CA ARG A 316 11.34 8.48 11.42
C ARG A 316 11.77 7.15 12.01
N LEU A 317 12.74 6.50 11.36
CA LEU A 317 13.28 5.21 11.78
C LEU A 317 14.67 5.46 12.34
N HIS A 318 14.87 5.13 13.63
CA HIS A 318 16.13 5.40 14.36
C HIS A 318 17.12 4.25 14.22
N TYR A 319 17.57 4.03 12.98
CA TYR A 319 18.62 3.05 12.70
C TYR A 319 19.91 3.38 13.45
N ASP A 320 20.12 4.66 13.77
CA ASP A 320 21.39 5.05 14.35
C ASP A 320 21.58 4.57 15.80
N ARG A 321 20.47 4.25 16.48
CA ARG A 321 20.49 3.84 17.91
C ARG A 321 20.27 2.33 18.09
N LEU A 322 20.46 1.51 17.05
CA LEU A 322 20.32 0.08 17.21
C LEU A 322 21.54 -0.40 17.98
N ALA A 323 21.33 -1.42 18.82
CA ALA A 323 22.43 -1.98 19.60
C ALA A 323 23.55 -2.49 18.71
N THR A 324 23.20 -3.22 17.65
CA THR A 324 24.15 -3.71 16.67
C THR A 324 23.82 -3.12 15.31
N TRP A 325 24.81 -2.51 14.67
CA TRP A 325 24.65 -2.00 13.32
C TRP A 325 25.76 -2.59 12.44
N PRO A 326 25.42 -3.17 11.30
CA PRO A 326 26.44 -3.81 10.47
C PRO A 326 27.30 -2.79 9.75
N GLU A 327 28.55 -3.17 9.49
CA GLU A 327 29.44 -2.34 8.69
C GLU A 327 28.99 -2.32 7.24
N GLY A 328 29.25 -1.20 6.57
CA GLY A 328 28.96 -1.08 5.16
C GLY A 328 27.48 -1.04 4.82
N LEU A 329 26.63 -0.58 5.73
CA LEU A 329 25.21 -0.45 5.50
C LEU A 329 24.77 0.93 5.94
N VAL A 330 24.08 1.64 5.04
CA VAL A 330 23.66 3.01 5.28
C VAL A 330 22.26 3.21 4.72
N VAL A 331 21.43 3.95 5.45
CA VAL A 331 20.06 4.25 5.05
C VAL A 331 19.88 5.76 5.05
N LEU A 332 19.38 6.30 3.95
CA LEU A 332 19.10 7.72 3.87
C LEU A 332 17.92 7.96 2.92
N GLY A 333 17.39 9.17 2.96
CA GLY A 333 16.22 9.49 2.19
C GLY A 333 14.94 9.19 2.97
N ASP A 334 13.85 9.06 2.20
CA ASP A 334 12.56 8.73 2.81
C ASP A 334 12.60 7.40 3.55
N ALA A 335 13.59 6.55 3.28
CA ALA A 335 13.68 5.26 3.96
C ALA A 335 13.97 5.41 5.44
N VAL A 336 14.65 6.49 5.84
CA VAL A 336 14.97 6.71 7.24
C VAL A 336 14.13 7.83 7.86
N ALA A 337 13.72 8.83 7.09
CA ALA A 337 12.93 9.93 7.63
C ALA A 337 12.04 10.49 6.53
N ALA A 338 10.72 10.36 6.72
CA ALA A 338 9.74 10.93 5.81
C ALA A 338 8.93 11.99 6.55
N PHE A 339 8.38 12.94 5.81
CA PHE A 339 7.76 14.10 6.40
C PHE A 339 6.45 14.41 5.68
N ASN A 340 5.57 15.14 6.37
CA ASN A 340 4.37 15.66 5.74
C ASN A 340 4.79 16.61 4.63
N PRO A 341 4.39 16.35 3.38
CA PRO A 341 4.95 17.11 2.25
C PRO A 341 4.51 18.57 2.17
N VAL A 342 3.52 18.99 2.96
CA VAL A 342 3.07 20.38 2.88
C VAL A 342 4.18 21.36 3.26
N TYR A 343 5.19 20.88 3.98
CA TYR A 343 6.34 21.71 4.33
C TYR A 343 7.46 21.61 3.29
N GLY A 344 7.38 20.66 2.37
CA GLY A 344 8.26 20.63 1.21
C GLY A 344 9.74 20.46 1.50
N HIS A 345 10.08 19.66 2.51
CA HIS A 345 11.47 19.46 2.89
C HIS A 345 12.04 18.12 2.45
N GLY A 346 11.22 17.25 1.86
CA GLY A 346 11.65 15.88 1.59
C GLY A 346 12.91 15.81 0.74
N MET A 347 12.91 16.51 -0.40
CA MET A 347 14.04 16.42 -1.32
C MET A 347 15.28 17.13 -0.76
N SER A 348 15.09 18.21 0.00
CA SER A 348 16.23 18.93 0.56
C SER A 348 16.83 18.17 1.74
N ALA A 349 16.00 17.47 2.52
CA ALA A 349 16.51 16.65 3.60
C ALA A 349 17.39 15.53 3.09
N ALA A 350 16.95 14.86 2.01
CA ALA A 350 17.78 13.82 1.41
C ALA A 350 19.09 14.38 0.90
N ALA A 351 19.07 15.59 0.34
CA ALA A 351 20.30 16.20 -0.16
C ALA A 351 21.28 16.47 0.98
N HIS A 352 20.77 16.94 2.12
CA HIS A 352 21.63 17.15 3.28
C HIS A 352 22.15 15.83 3.83
N SER A 353 21.35 14.77 3.74
CA SER A 353 21.81 13.47 4.19
C SER A 353 22.99 12.97 3.35
N VAL A 354 22.93 13.20 2.03
CA VAL A 354 24.01 12.77 1.15
C VAL A 354 25.31 13.49 1.53
N LEU A 355 25.22 14.77 1.89
CA LEU A 355 26.41 15.51 2.29
C LEU A 355 26.93 15.02 3.63
N ALA A 356 26.04 14.55 4.52
CA ALA A 356 26.49 13.97 5.78
C ALA A 356 27.30 12.70 5.54
N LEU A 357 26.82 11.84 4.64
CA LEU A 357 27.60 10.66 4.27
C LEU A 357 28.93 11.06 3.63
N ARG A 358 28.91 12.05 2.74
CA ARG A 358 30.15 12.53 2.14
C ARG A 358 31.09 13.08 3.19
N SER A 359 30.55 13.72 4.23
CA SER A 359 31.39 14.24 5.30
C SER A 359 32.05 13.12 6.09
N GLN A 360 31.35 12.01 6.28
CA GLN A 360 31.91 10.88 7.02
C GLN A 360 32.85 10.05 6.18
N LEU A 361 32.71 10.08 4.85
CA LEU A 361 33.68 9.43 3.99
C LEU A 361 35.00 10.21 3.96
N GLY A 362 34.92 11.54 3.93
CA GLY A 362 36.12 12.35 3.99
C GLY A 362 36.82 12.26 5.32
N GLN A 363 36.11 11.82 6.36
CA GLN A 363 36.70 11.79 7.67
C GLN A 363 37.18 10.41 8.09
N ARG A 364 36.48 9.36 7.70
CA ARG A 364 36.79 8.01 8.14
C ARG A 364 37.13 7.08 6.99
N ALA A 365 37.01 7.55 5.75
CA ALA A 365 37.25 6.73 4.55
C ALA A 365 36.36 5.49 4.64
N PHE A 366 36.90 4.28 4.46
CA PHE A 366 36.13 3.05 4.61
C PHE A 366 36.61 2.22 5.78
N GLN A 367 37.12 2.88 6.83
CA GLN A 367 37.57 2.19 8.02
C GLN A 367 36.38 1.66 8.81
N PRO A 368 36.60 0.68 9.69
CA PRO A 368 35.51 0.22 10.56
C PRO A 368 34.93 1.38 11.36
N GLY A 369 33.60 1.40 11.44
CA GLY A 369 32.88 2.46 12.12
C GLY A 369 32.31 3.53 11.20
N LEU A 370 32.53 3.42 9.89
CA LEU A 370 31.99 4.40 8.96
C LEU A 370 30.47 4.35 8.91
N ALA A 371 29.92 3.13 8.78
CA ALA A 371 28.47 2.99 8.64
C ALA A 371 27.73 3.53 9.86
N ARG A 372 28.21 3.20 11.06
CA ARG A 372 27.57 3.70 12.27
C ARG A 372 27.70 5.21 12.38
N ALA A 373 28.88 5.76 12.05
CA ALA A 373 29.07 7.20 12.11
C ALA A 373 28.23 7.91 11.03
N ALA A 374 28.12 7.29 9.86
CA ALA A 374 27.30 7.87 8.79
C ALA A 374 25.83 7.91 9.20
N GLN A 375 25.34 6.86 9.85
CA GLN A 375 23.95 6.84 10.28
C GLN A 375 23.64 7.90 11.32
N ARG A 376 24.62 8.26 12.16
CA ARG A 376 24.37 9.29 13.16
C ARG A 376 24.35 10.68 12.53
N ALA A 377 25.23 10.93 11.56
CA ALA A 377 25.21 12.21 10.87
C ALA A 377 23.96 12.37 10.00
N ILE A 378 23.47 11.28 9.42
CA ILE A 378 22.24 11.35 8.63
C ILE A 378 21.06 11.69 9.54
N ALA A 379 21.04 11.14 10.76
CA ALA A 379 19.98 11.48 11.71
C ALA A 379 20.02 12.95 12.08
N VAL A 380 21.23 13.51 12.24
CA VAL A 380 21.35 14.94 12.55
C VAL A 380 20.90 15.78 11.37
N ALA A 381 21.25 15.36 10.14
CA ALA A 381 20.96 16.17 8.96
C ALA A 381 19.46 16.33 8.72
N VAL A 382 18.65 15.34 9.14
CA VAL A 382 17.22 15.40 8.90
C VAL A 382 16.44 15.93 10.10
N ASP A 383 17.10 16.20 11.23
CA ASP A 383 16.39 16.57 12.45
C ASP A 383 15.66 17.90 12.31
N ASP A 384 16.22 18.84 11.56
CA ASP A 384 15.59 20.14 11.38
C ASP A 384 14.26 20.00 10.64
N ALA A 385 14.27 19.29 9.51
CA ALA A 385 13.04 19.05 8.77
C ALA A 385 12.03 18.26 9.61
N TRP A 386 12.52 17.31 10.41
CA TRP A 386 11.64 16.53 11.27
C TRP A 386 10.93 17.42 12.28
N VAL A 387 11.68 18.32 12.93
CA VAL A 387 11.09 19.18 13.96
C VAL A 387 10.10 20.17 13.34
N LEU A 388 10.48 20.79 12.22
CA LEU A 388 9.60 21.77 11.58
C LEU A 388 8.26 21.14 11.19
N ALA A 389 8.28 19.90 10.71
CA ALA A 389 7.05 19.25 10.28
C ALA A 389 6.22 18.78 11.47
N THR A 390 6.86 18.09 12.42
CA THR A 390 6.11 17.47 13.50
C THR A 390 5.62 18.48 14.53
N SER A 391 6.38 19.56 14.77
CA SER A 391 5.96 20.56 15.74
C SER A 391 4.67 21.24 15.32
N HIS A 392 4.44 21.36 14.01
CA HIS A 392 3.22 21.98 13.50
C HIS A 392 2.08 20.98 13.29
N ASP A 393 2.40 19.69 13.17
CA ASP A 393 1.40 18.67 12.87
C ASP A 393 0.72 18.11 14.10
N ILE A 394 1.40 18.12 15.25
CA ILE A 394 0.86 17.48 16.46
C ILE A 394 -0.41 18.15 16.96
N GLY A 395 -0.63 19.43 16.66
CA GLY A 395 -1.77 20.14 17.22
C GLY A 395 -3.12 19.78 16.61
N TYR A 396 -3.13 19.20 15.42
CA TYR A 396 -4.37 19.05 14.68
C TYR A 396 -5.29 18.01 15.32
N PRO A 397 -6.61 18.19 15.20
CA PRO A 397 -7.55 17.24 15.82
C PRO A 397 -7.43 15.85 15.20
N GLY A 398 -7.46 14.84 16.06
CA GLY A 398 -7.40 13.47 15.62
C GLY A 398 -6.00 12.96 15.32
N CYS A 399 -4.97 13.73 15.66
CA CYS A 399 -3.61 13.34 15.32
C CYS A 399 -3.18 12.12 16.12
N ARG A 400 -2.43 11.24 15.48
CA ARG A 400 -1.92 10.03 16.09
C ARG A 400 -0.39 10.15 16.18
N THR A 401 0.13 10.12 17.41
CA THR A 401 1.54 10.33 17.65
C THR A 401 2.12 9.17 18.45
N GLN A 402 3.28 8.69 18.03
CA GLN A 402 4.07 7.72 18.77
C GLN A 402 5.50 8.27 18.82
N THR A 403 5.91 8.80 19.97
CA THR A 403 7.21 9.46 20.03
C THR A 403 7.78 9.42 21.45
N ARG A 404 9.10 9.58 21.52
CA ARG A 404 9.86 9.73 22.74
C ARG A 404 10.52 11.10 22.83
N ASP A 405 10.30 11.95 21.84
CA ASP A 405 10.95 13.25 21.76
C ASP A 405 10.36 14.23 22.76
N PRO A 406 11.15 14.74 23.70
CA PRO A 406 10.59 15.73 24.65
C PRO A 406 10.20 17.03 23.98
N ARG A 407 10.87 17.39 22.88
CA ARG A 407 10.47 18.57 22.13
C ARG A 407 9.02 18.49 21.69
N LEU A 408 8.57 17.30 21.28
CA LEU A 408 7.19 17.11 20.84
C LEU A 408 6.23 16.84 22.00
N THR A 409 6.73 16.43 23.16
CA THR A 409 5.87 16.05 24.27
C THR A 409 5.90 17.07 25.40
N ARG A 410 6.93 16.99 26.25
CA ARG A 410 6.96 17.77 27.48
C ARG A 410 7.15 19.26 27.20
N HIS A 411 8.13 19.60 26.36
CA HIS A 411 8.46 20.99 26.07
C HIS A 411 7.83 21.48 24.77
N ALA A 412 6.69 20.92 24.38
CA ALA A 412 6.03 21.35 23.15
C ALA A 412 5.35 22.71 23.34
N GLY A 413 4.83 22.99 24.54
CA GLY A 413 4.15 24.25 24.75
C GLY A 413 5.10 25.45 24.74
N GLU A 414 6.25 25.32 25.39
CA GLU A 414 7.20 26.43 25.44
C GLU A 414 7.84 26.68 24.09
N ARG A 415 8.16 25.62 23.34
CA ARG A 415 8.75 25.78 22.01
C ARG A 415 7.77 26.44 21.05
N GLN A 416 6.46 26.21 21.23
CA GLN A 416 5.48 26.79 20.33
C GLN A 416 5.24 28.28 20.59
N ARG A 417 5.36 28.71 21.85
CA ARG A 417 5.18 30.11 22.17
C ARG A 417 6.30 30.98 21.60
N VAL A 418 7.44 30.40 21.27
CA VAL A 418 8.55 31.17 20.71
C VAL A 418 8.49 31.20 19.19
N THR A 419 8.19 30.05 18.57
CA THR A 419 8.07 30.01 17.11
C THR A 419 6.89 30.83 16.63
N ASP A 420 5.77 30.78 17.36
CA ASP A 420 4.61 31.61 17.01
C ASP A 420 4.94 33.09 17.10
N LEU A 421 5.80 33.48 18.05
CA LEU A 421 6.24 34.87 18.13
C LEU A 421 7.18 35.20 16.97
N VAL A 422 8.08 34.28 16.65
CA VAL A 422 8.96 34.47 15.50
C VAL A 422 8.15 34.56 14.21
N GLY A 423 7.23 33.62 14.02
CA GLY A 423 6.43 33.60 12.80
C GLY A 423 5.61 34.86 12.59
N LEU A 424 4.95 35.34 13.66
CA LEU A 424 4.15 36.55 13.56
C LEU A 424 5.00 37.74 13.14
N THR A 425 6.16 37.90 13.78
CA THR A 425 7.06 38.99 13.44
C THR A 425 7.64 38.83 12.04
N ALA A 426 7.85 37.60 11.59
CA ALA A 426 8.47 37.37 10.30
C ALA A 426 7.60 37.82 9.14
N THR A 427 6.28 37.92 9.34
CA THR A 427 5.41 38.40 8.28
C THR A 427 5.59 39.89 8.03
N ARG A 428 6.13 40.65 9.00
CA ARG A 428 6.22 42.10 8.86
C ARG A 428 7.58 42.67 9.25
N ASN A 429 8.64 41.86 9.29
CA ASN A 429 9.98 42.35 9.59
C ASN A 429 10.96 41.62 8.69
N GLN A 430 11.76 42.38 7.95
CA GLN A 430 12.61 41.79 6.92
C GLN A 430 13.71 40.90 7.52
N VAL A 431 14.40 41.39 8.55
CA VAL A 431 15.52 40.63 9.09
C VAL A 431 15.03 39.37 9.80
N VAL A 432 13.89 39.45 10.50
CA VAL A 432 13.32 38.25 11.09
C VAL A 432 12.88 37.29 10.00
N ASN A 433 12.22 37.81 8.95
CA ASN A 433 11.84 36.97 7.83
C ASN A 433 13.05 36.32 7.19
N ARG A 434 14.16 37.05 7.11
CA ARG A 434 15.40 36.50 6.56
C ARG A 434 15.81 35.23 7.29
N ALA A 435 15.84 35.30 8.63
CA ALA A 435 16.17 34.11 9.39
C ALA A 435 15.08 33.05 9.27
N ALA A 436 13.82 33.49 9.23
CA ALA A 436 12.71 32.54 9.15
C ALA A 436 12.79 31.70 7.88
N VAL A 437 12.96 32.34 6.72
CA VAL A 437 13.02 31.59 5.47
C VAL A 437 14.35 30.88 5.29
N ALA A 438 15.42 31.37 5.92
CA ALA A 438 16.69 30.65 5.87
C ALA A 438 16.59 29.31 6.59
N LEU A 439 15.90 29.27 7.72
CA LEU A 439 15.71 28.00 8.42
C LEU A 439 14.71 27.11 7.70
N ASN A 440 13.61 27.69 7.18
CA ASN A 440 12.56 26.85 6.62
C ASN A 440 12.94 26.28 5.26
N THR A 441 13.83 26.94 4.53
CA THR A 441 14.37 26.38 3.30
C THR A 441 15.56 25.45 3.56
N LEU A 442 15.83 25.15 4.83
CA LEU A 442 16.95 24.29 5.23
C LEU A 442 18.27 24.81 4.69
N SER A 443 18.44 26.13 4.74
CA SER A 443 19.71 26.75 4.39
C SER A 443 20.51 27.20 5.61
N ALA A 444 19.90 27.16 6.79
CA ALA A 444 20.61 27.47 8.02
C ALA A 444 20.05 26.59 9.13
N GLY A 445 20.85 26.38 10.16
CA GLY A 445 20.46 25.52 11.25
C GLY A 445 19.52 26.21 12.22
N MET A 446 18.97 25.40 13.13
CA MET A 446 18.06 25.92 14.15
C MET A 446 18.73 26.98 15.02
N ALA A 447 20.03 26.82 15.30
CA ALA A 447 20.72 27.77 16.18
C ALA A 447 20.76 29.17 15.60
N SER A 448 20.62 29.33 14.29
CA SER A 448 20.61 30.65 13.69
C SER A 448 19.45 31.51 14.19
N MET A 449 18.39 30.89 14.72
CA MET A 449 17.26 31.61 15.28
C MET A 449 17.53 32.15 16.68
N GLN A 450 18.71 31.88 17.25
CA GLN A 450 19.09 32.40 18.56
C GLN A 450 20.16 33.48 18.45
N ASP A 451 20.54 33.86 17.24
CA ASP A 451 21.49 34.94 17.03
C ASP A 451 20.92 36.23 17.61
N PRO A 452 21.68 36.98 18.41
CA PRO A 452 21.13 38.20 19.02
C PRO A 452 20.59 39.21 18.02
N ALA A 453 21.09 39.19 16.78
CA ALA A 453 20.61 40.16 15.78
C ALA A 453 19.22 39.82 15.28
N VAL A 454 18.78 38.58 15.45
CA VAL A 454 17.42 38.20 15.06
C VAL A 454 16.45 38.42 16.21
N MET A 455 16.83 38.05 17.44
CA MET A 455 15.97 38.26 18.59
C MET A 455 15.82 39.74 18.91
N ALA A 456 16.75 40.58 18.46
CA ALA A 456 16.58 42.02 18.60
C ALA A 456 15.54 42.55 17.63
N ALA A 457 15.55 42.04 16.40
CA ALA A 457 14.54 42.44 15.43
C ALA A 457 13.15 41.92 15.80
N VAL A 458 13.07 40.74 16.43
CA VAL A 458 11.78 40.26 16.91
C VAL A 458 11.26 41.18 18.01
N ARG A 459 12.16 41.68 18.86
CA ARG A 459 11.75 42.61 19.90
C ARG A 459 11.51 44.01 19.37
N ARG A 460 12.07 44.35 18.21
CA ARG A 460 11.79 45.63 17.58
C ARG A 460 10.40 45.68 16.95
N GLY A 461 9.79 44.52 16.69
CA GLY A 461 8.44 44.46 16.19
C GLY A 461 8.32 44.71 14.71
N PRO A 462 7.09 44.88 14.23
CA PRO A 462 6.86 45.07 12.79
C PRO A 462 7.37 46.41 12.30
N GLU A 463 7.79 46.42 11.03
CA GLU A 463 8.18 47.65 10.34
C GLU A 463 7.26 47.95 9.16
N VAL A 464 6.24 47.13 8.92
CA VAL A 464 5.25 47.39 7.88
C VAL A 464 3.89 47.00 8.38
N PRO A 465 2.84 47.64 7.86
CA PRO A 465 1.48 47.27 8.25
C PRO A 465 1.13 45.86 7.78
N ALA A 466 0.30 45.20 8.56
CA ALA A 466 -0.23 43.90 8.17
C ALA A 466 -1.11 44.08 6.93
N PRO A 467 -0.80 43.43 5.81
CA PRO A 467 -1.60 43.62 4.60
C PRO A 467 -3.06 43.23 4.82
N THR A 468 -3.95 44.03 4.25
CA THR A 468 -5.39 43.83 4.35
C THR A 468 -5.95 43.04 3.18
N GLU A 469 -5.14 42.84 2.15
CA GLU A 469 -5.51 42.21 0.89
C GLU A 469 -4.37 41.26 0.51
N PRO A 470 -4.64 40.30 -0.37
CA PRO A 470 -3.54 39.56 -0.99
C PRO A 470 -2.52 40.53 -1.58
N PRO A 471 -1.27 40.48 -1.13
CA PRO A 471 -0.26 41.42 -1.64
C PRO A 471 0.11 41.15 -3.08
N LEU A 472 -0.89 41.13 -3.96
CA LEU A 472 -0.65 40.93 -5.38
C LEU A 472 -0.19 42.24 -6.01
N ARG A 473 0.73 42.12 -6.98
CA ARG A 473 1.16 43.30 -7.71
C ARG A 473 0.16 43.62 -8.83
N PRO A 474 -0.10 44.90 -9.10
CA PRO A 474 -1.03 45.24 -10.21
C PRO A 474 -0.60 44.67 -11.55
N ASP A 475 0.70 44.63 -11.83
CA ASP A 475 1.16 44.03 -13.10
C ASP A 475 0.98 42.52 -13.11
N GLU A 476 0.88 41.88 -11.95
CA GLU A 476 0.62 40.44 -11.90
C GLU A 476 -0.83 40.13 -12.21
N VAL A 477 -1.76 40.90 -11.61
CA VAL A 477 -3.19 40.66 -11.82
C VAL A 477 -3.59 41.05 -13.24
N ALA A 478 -2.91 42.04 -13.83
CA ALA A 478 -3.22 42.44 -15.20
C ALA A 478 -3.00 41.30 -16.18
N ARG A 479 -2.05 40.41 -15.89
CA ARG A 479 -1.74 39.28 -16.76
C ARG A 479 -2.64 38.08 -16.55
N LEU A 480 -3.73 38.24 -15.79
CA LEU A 480 -4.71 37.18 -15.61
C LEU A 480 -5.81 37.19 -16.65
N VAL A 481 -5.78 38.16 -17.58
CA VAL A 481 -6.77 38.24 -18.65
C VAL A 481 -6.06 38.41 -19.98
N SER A 482 -6.73 37.94 -21.04
CA SER A 482 -6.19 38.08 -22.39
C SER A 482 -6.17 39.54 -22.83
N GLY A 483 -7.18 40.30 -22.44
CA GLY A 483 -7.38 41.62 -23.00
C GLY A 483 -7.97 41.56 -24.39
N ALA A 484 -8.70 40.49 -24.69
CA ALA A 484 -9.25 40.24 -26.01
C ALA A 484 -10.61 40.90 -26.17
N GLY A 485 -11.05 40.98 -27.42
CA GLY A 485 -12.35 41.54 -27.73
C GLY A 485 -12.48 43.04 -27.62
N VAL A 486 -11.37 43.76 -27.47
CA VAL A 486 -11.39 45.22 -27.38
C VAL A 486 -10.60 45.75 -28.57
N THR A 487 -11.25 46.60 -29.38
CA THR A 487 -10.61 47.20 -30.57
C THR A 487 -10.53 48.72 -30.41
N ALA A 488 -11.53 49.31 -29.73
CA ALA A 488 -11.56 50.78 -29.50
C ALA A 488 -10.32 51.20 -28.71
N THR B 20 -23.29 13.03 -3.31
CA THR B 20 -24.67 12.56 -3.28
C THR B 20 -24.76 11.05 -3.49
N ARG B 21 -25.90 10.49 -3.06
CA ARG B 21 -26.19 9.06 -2.95
C ARG B 21 -25.37 8.45 -1.83
N SER B 22 -25.95 7.44 -1.16
CA SER B 22 -25.31 6.80 -0.02
C SER B 22 -25.48 5.29 -0.13
N ALA B 23 -24.52 4.57 0.43
CA ALA B 23 -24.54 3.12 0.45
C ALA B 23 -24.43 2.62 1.89
N VAL B 24 -25.05 1.48 2.15
CA VAL B 24 -24.97 0.81 3.44
C VAL B 24 -24.45 -0.61 3.18
N VAL B 25 -23.34 -0.96 3.80
CA VAL B 25 -22.72 -2.28 3.64
C VAL B 25 -22.90 -3.04 4.94
N LEU B 26 -23.54 -4.21 4.84
CA LEU B 26 -23.78 -5.07 6.00
C LEU B 26 -22.62 -6.04 6.13
N GLY B 27 -21.85 -5.91 7.21
CA GLY B 27 -20.71 -6.77 7.44
C GLY B 27 -19.39 -6.11 7.07
N GLY B 28 -18.46 -6.08 8.01
CA GLY B 28 -17.18 -5.42 7.80
C GLY B 28 -16.00 -6.37 7.68
N GLY B 29 -16.24 -7.54 7.11
CA GLY B 29 -15.18 -8.51 6.86
C GLY B 29 -14.38 -8.16 5.63
N MET B 30 -13.86 -9.20 4.97
CA MET B 30 -13.08 -9.00 3.75
C MET B 30 -13.92 -8.39 2.64
N ALA B 31 -15.06 -9.02 2.32
CA ALA B 31 -15.91 -8.53 1.25
C ALA B 31 -16.47 -7.15 1.56
N GLY B 32 -16.87 -6.93 2.81
CA GLY B 32 -17.42 -5.62 3.18
C GLY B 32 -16.40 -4.52 3.08
N MET B 33 -15.16 -4.78 3.49
CA MET B 33 -14.11 -3.76 3.40
C MET B 33 -13.77 -3.47 1.94
N LEU B 34 -13.59 -4.52 1.13
CA LEU B 34 -13.21 -4.33 -0.26
C LEU B 34 -14.30 -3.61 -1.05
N VAL B 35 -15.57 -3.96 -0.82
CA VAL B 35 -16.64 -3.34 -1.58
C VAL B 35 -16.98 -1.94 -1.10
N SER B 36 -16.59 -1.56 0.12
CA SER B 36 -16.77 -0.19 0.55
C SER B 36 -15.72 0.75 -0.02
N SER B 37 -14.46 0.31 -0.04
CA SER B 37 -13.42 1.07 -0.73
C SER B 37 -13.80 1.35 -2.17
N MET B 38 -14.39 0.37 -2.85
CA MET B 38 -14.80 0.57 -4.23
C MET B 38 -15.98 1.54 -4.31
N LEU B 39 -16.96 1.37 -3.43
CA LEU B 39 -18.17 2.19 -3.48
C LEU B 39 -17.88 3.65 -3.14
N ALA B 40 -16.90 3.90 -2.26
CA ALA B 40 -16.58 5.27 -1.86
C ALA B 40 -16.17 6.14 -3.05
N ARG B 41 -15.74 5.54 -4.16
CA ARG B 41 -15.40 6.29 -5.36
C ARG B 41 -16.64 6.58 -6.22
N HIS B 42 -17.80 6.07 -5.84
CA HIS B 42 -19.02 6.26 -6.62
C HIS B 42 -20.17 6.88 -5.84
N VAL B 43 -20.08 6.97 -4.51
CA VAL B 43 -21.14 7.54 -3.70
C VAL B 43 -20.56 8.57 -2.75
N GLY B 44 -21.46 9.28 -2.06
CA GLY B 44 -21.04 10.31 -1.14
C GLY B 44 -20.59 9.78 0.20
N SER B 45 -21.21 8.70 0.67
CA SER B 45 -20.86 8.15 1.97
C SER B 45 -21.18 6.67 2.01
N VAL B 46 -20.38 5.93 2.78
CA VAL B 46 -20.55 4.49 2.96
C VAL B 46 -20.63 4.20 4.45
N THR B 47 -21.67 3.48 4.86
CA THR B 47 -21.85 3.09 6.25
C THR B 47 -21.76 1.57 6.35
N VAL B 48 -20.77 1.08 7.07
CA VAL B 48 -20.55 -0.35 7.28
C VAL B 48 -21.12 -0.71 8.64
N ILE B 49 -22.06 -1.66 8.65
CA ILE B 49 -22.70 -2.10 9.88
C ILE B 49 -22.29 -3.54 10.18
N ASP B 50 -21.78 -3.76 11.38
CA ASP B 50 -21.34 -5.08 11.82
C ASP B 50 -21.76 -5.26 13.28
N ARG B 51 -22.07 -6.50 13.64
CA ARG B 51 -22.53 -6.79 14.99
C ARG B 51 -21.38 -7.20 15.91
N ASP B 52 -20.16 -7.28 15.40
CA ASP B 52 -19.00 -7.68 16.19
C ASP B 52 -18.22 -6.47 16.65
N ALA B 53 -17.35 -6.69 17.64
CA ALA B 53 -16.39 -5.69 18.07
C ALA B 53 -15.08 -5.90 17.32
N PHE B 54 -14.42 -4.78 16.96
CA PHE B 54 -13.22 -4.89 16.15
C PHE B 54 -11.98 -4.53 16.95
N PRO B 55 -10.91 -5.30 16.83
CA PRO B 55 -9.66 -4.96 17.53
C PRO B 55 -8.86 -3.90 16.78
N ALA B 56 -7.97 -3.26 17.53
CA ALA B 56 -7.10 -2.25 16.96
C ALA B 56 -5.83 -2.83 16.32
N GLY B 57 -5.57 -4.12 16.52
CA GLY B 57 -4.43 -4.76 15.93
C GLY B 57 -4.77 -6.07 15.26
N PRO B 58 -3.77 -6.73 14.67
CA PRO B 58 -4.05 -8.00 13.97
C PRO B 58 -4.41 -9.13 14.92
N ASP B 59 -5.65 -9.10 15.41
CA ASP B 59 -6.13 -10.03 16.42
C ASP B 59 -7.35 -10.78 15.91
N LEU B 60 -7.55 -11.98 16.44
CA LEU B 60 -8.76 -12.73 16.15
C LEU B 60 -9.98 -12.05 16.76
N ARG B 61 -11.12 -12.19 16.09
CA ARG B 61 -12.38 -11.68 16.60
C ARG B 61 -13.48 -12.68 16.29
N LYS B 62 -14.60 -12.57 17.01
CA LYS B 62 -15.64 -13.58 16.92
C LYS B 62 -16.38 -13.53 15.58
N GLY B 63 -16.38 -12.38 14.91
CA GLY B 63 -17.04 -12.28 13.62
C GLY B 63 -16.33 -13.01 12.50
N VAL B 64 -15.05 -13.27 12.67
CA VAL B 64 -14.28 -14.05 11.69
C VAL B 64 -13.67 -15.25 12.42
N PRO B 65 -14.44 -16.28 12.74
CA PRO B 65 -13.85 -17.44 13.42
C PRO B 65 -12.93 -18.26 12.53
N GLN B 66 -13.05 -18.11 11.21
CA GLN B 66 -12.21 -18.85 10.27
C GLN B 66 -10.77 -18.34 10.26
N ALA B 67 -10.50 -17.19 10.89
CA ALA B 67 -9.16 -16.62 10.88
C ALA B 67 -8.14 -17.45 11.63
N ARG B 68 -8.58 -18.43 12.43
CA ARG B 68 -7.65 -19.33 13.11
C ARG B 68 -6.96 -20.29 12.16
N HIS B 69 -7.44 -20.40 10.91
CA HIS B 69 -6.98 -21.41 9.99
C HIS B 69 -6.25 -20.79 8.82
N ALA B 70 -5.51 -21.64 8.10
CA ALA B 70 -4.66 -21.17 7.00
C ALA B 70 -5.51 -20.54 5.90
N HIS B 71 -5.03 -19.40 5.40
CA HIS B 71 -5.72 -18.65 4.36
C HIS B 71 -4.77 -18.40 3.21
N ILE B 72 -5.15 -18.82 2.01
CA ILE B 72 -4.39 -18.60 0.79
C ILE B 72 -5.04 -17.45 0.03
N LEU B 73 -4.27 -16.41 -0.27
CA LEU B 73 -4.72 -15.30 -1.10
C LEU B 73 -4.03 -15.46 -2.46
N TRP B 74 -4.78 -15.97 -3.44
CA TRP B 74 -4.22 -16.17 -4.76
C TRP B 74 -3.94 -14.83 -5.44
N SER B 75 -3.13 -14.89 -6.51
CA SER B 75 -2.78 -13.67 -7.24
C SER B 75 -4.01 -12.95 -7.77
N GLY B 76 -5.01 -13.71 -8.24
CA GLY B 76 -6.23 -13.08 -8.74
C GLY B 76 -6.87 -12.14 -7.74
N GLY B 77 -7.02 -12.59 -6.50
CA GLY B 77 -7.59 -11.73 -5.47
C GLY B 77 -6.62 -10.64 -5.03
N ALA B 78 -5.33 -10.98 -4.91
CA ALA B 78 -4.35 -10.01 -4.44
C ALA B 78 -4.19 -8.84 -5.41
N ARG B 79 -4.21 -9.12 -6.72
CA ARG B 79 -4.12 -8.04 -7.69
C ARG B 79 -5.29 -7.08 -7.57
N ILE B 80 -6.48 -7.61 -7.32
CA ILE B 80 -7.65 -6.76 -7.12
C ILE B 80 -7.51 -5.94 -5.84
N VAL B 81 -7.03 -6.57 -4.77
CA VAL B 81 -6.79 -5.84 -3.52
C VAL B 81 -5.80 -4.72 -3.74
N GLU B 82 -4.74 -4.97 -4.52
CA GLU B 82 -3.75 -3.94 -4.78
C GLU B 82 -4.34 -2.79 -5.58
N GLU B 83 -5.26 -3.08 -6.51
CA GLU B 83 -5.92 -2.03 -7.28
C GLU B 83 -6.84 -1.20 -6.38
N LEU B 84 -7.65 -1.88 -5.56
CA LEU B 84 -8.60 -1.16 -4.71
C LEU B 84 -7.89 -0.38 -3.60
N LEU B 85 -6.84 -0.95 -3.03
CA LEU B 85 -6.12 -0.35 -1.91
C LEU B 85 -4.62 -0.34 -2.24
N PRO B 86 -4.17 0.65 -3.02
CA PRO B 86 -2.75 0.69 -3.41
C PRO B 86 -1.83 0.76 -2.20
N GLY B 87 -0.74 0.00 -2.26
CA GLY B 87 0.21 -0.07 -1.17
C GLY B 87 -0.03 -1.22 -0.22
N THR B 88 -1.10 -1.98 -0.39
CA THR B 88 -1.42 -3.06 0.53
C THR B 88 -0.38 -4.17 0.48
N THR B 89 0.07 -4.55 -0.72
CA THR B 89 1.04 -5.64 -0.85
C THR B 89 2.34 -5.32 -0.12
N ASP B 90 2.93 -4.16 -0.40
CA ASP B 90 4.15 -3.76 0.29
C ASP B 90 3.95 -3.67 1.79
N ARG B 91 2.78 -3.17 2.22
CA ARG B 91 2.48 -3.10 3.65
C ARG B 91 2.42 -4.50 4.25
N LEU B 92 1.78 -5.44 3.56
CA LEU B 92 1.71 -6.81 4.07
C LEU B 92 3.10 -7.43 4.13
N LEU B 93 3.93 -7.21 3.10
CA LEU B 93 5.28 -7.74 3.12
C LEU B 93 6.10 -7.10 4.24
N GLY B 94 5.93 -5.80 4.45
CA GLY B 94 6.59 -5.14 5.57
C GLY B 94 6.16 -5.68 6.92
N ALA B 95 4.97 -6.24 6.99
CA ALA B 95 4.46 -6.84 8.23
C ALA B 95 4.89 -8.30 8.39
N GLY B 96 5.57 -8.87 7.40
CA GLY B 96 6.07 -10.23 7.51
C GLY B 96 5.39 -11.24 6.62
N ALA B 97 4.44 -10.83 5.79
CA ALA B 97 3.81 -11.77 4.88
C ALA B 97 4.81 -12.30 3.86
N HIS B 98 4.47 -13.42 3.25
CA HIS B 98 5.32 -14.07 2.26
C HIS B 98 4.64 -14.00 0.90
N ARG B 99 5.36 -13.51 -0.11
CA ARG B 99 4.93 -13.63 -1.49
C ARG B 99 5.59 -14.87 -2.07
N ILE B 100 4.79 -15.89 -2.37
CA ILE B 100 5.28 -17.18 -2.82
C ILE B 100 4.87 -17.37 -4.28
N GLY B 101 5.85 -17.52 -5.16
CA GLY B 101 5.56 -17.74 -6.55
C GLY B 101 4.93 -19.10 -6.80
N ILE B 102 4.13 -19.18 -7.86
CA ILE B 102 3.45 -20.40 -8.26
C ILE B 102 3.84 -20.71 -9.69
N PRO B 103 4.35 -21.91 -9.99
CA PRO B 103 4.56 -23.01 -9.04
C PRO B 103 5.99 -23.12 -8.51
N ASP B 104 6.83 -22.12 -8.81
CA ASP B 104 8.24 -22.21 -8.43
C ASP B 104 8.43 -22.35 -6.93
N GLY B 105 7.62 -21.64 -6.14
CA GLY B 105 7.82 -21.66 -4.70
C GLY B 105 6.92 -22.62 -3.96
N GLN B 106 6.41 -23.65 -4.64
CA GLN B 106 5.52 -24.61 -4.02
C GLN B 106 6.06 -26.02 -4.21
N VAL B 107 5.89 -26.85 -3.18
CA VAL B 107 6.22 -28.28 -3.25
C VAL B 107 4.91 -29.01 -2.97
N SER B 108 4.22 -29.39 -4.04
CA SER B 108 2.89 -29.97 -3.93
C SER B 108 2.89 -31.38 -4.52
N TYR B 109 2.44 -32.35 -3.73
CA TYR B 109 2.14 -33.69 -4.24
C TYR B 109 0.70 -33.70 -4.70
N THR B 110 0.48 -33.36 -5.96
CA THR B 110 -0.84 -33.31 -6.54
C THR B 110 -1.40 -34.72 -6.71
N ALA B 111 -2.71 -34.79 -6.97
CA ALA B 111 -3.37 -36.05 -7.25
C ALA B 111 -2.70 -36.84 -8.36
N TYR B 112 -1.93 -36.18 -9.24
CA TYR B 112 -1.26 -36.84 -10.34
C TYR B 112 0.24 -37.01 -10.12
N GLY B 113 0.76 -36.57 -8.98
CA GLY B 113 2.18 -36.65 -8.70
C GLY B 113 2.76 -35.29 -8.36
N TRP B 114 4.05 -35.30 -8.02
CA TRP B 114 4.75 -34.08 -7.67
C TRP B 114 4.70 -33.08 -8.81
N GLN B 115 4.42 -31.83 -8.49
CA GLN B 115 4.41 -30.77 -9.48
C GLN B 115 5.83 -30.30 -9.76
N HIS B 116 6.20 -30.26 -11.03
CA HIS B 116 7.50 -29.72 -11.41
C HIS B 116 7.51 -28.21 -11.19
N ARG B 117 8.55 -27.72 -10.51
CA ARG B 117 8.64 -26.32 -10.12
C ARG B 117 9.18 -25.50 -11.28
N PHE B 118 8.28 -25.24 -12.24
CA PHE B 118 8.58 -24.37 -13.37
C PHE B 118 8.81 -22.94 -12.89
N PRO B 119 9.36 -22.06 -13.73
CA PRO B 119 9.51 -20.66 -13.34
C PRO B 119 8.17 -20.04 -12.99
N GLU B 120 8.24 -18.90 -12.30
CA GLU B 120 7.04 -18.25 -11.78
C GLU B 120 6.07 -17.89 -12.88
N ALA B 121 4.82 -18.30 -12.71
CA ALA B 121 3.72 -17.87 -13.57
C ALA B 121 2.71 -17.03 -12.82
N GLN B 122 2.32 -17.45 -11.62
CA GLN B 122 1.46 -16.65 -10.74
C GLN B 122 2.13 -16.54 -9.38
N PHE B 123 1.40 -16.00 -8.39
CA PHE B 123 1.93 -15.90 -7.04
C PHE B 123 0.79 -16.00 -6.05
N MET B 124 1.16 -16.09 -4.77
CA MET B 124 0.19 -16.06 -3.68
C MET B 124 0.80 -15.31 -2.51
N ILE B 125 -0.06 -14.76 -1.66
CA ILE B 125 0.34 -14.06 -0.45
C ILE B 125 0.01 -14.95 0.74
N ALA B 126 0.99 -15.17 1.61
CA ALA B 126 0.85 -16.09 2.73
C ALA B 126 1.06 -15.34 4.04
N CYS B 127 -0.02 -15.18 4.80
CA CYS B 127 0.04 -14.55 6.11
C CYS B 127 -1.16 -15.02 6.91
N SER B 128 -1.15 -14.74 8.21
CA SER B 128 -2.31 -15.00 9.03
C SER B 128 -3.48 -14.14 8.56
N ARG B 129 -4.69 -14.71 8.65
CA ARG B 129 -5.88 -14.00 8.19
C ARG B 129 -6.13 -12.75 9.03
N ALA B 130 -5.73 -12.77 10.30
CA ALA B 130 -5.90 -11.60 11.15
C ALA B 130 -5.06 -10.44 10.65
N LEU B 131 -3.84 -10.71 10.20
CA LEU B 131 -2.97 -9.65 9.69
C LEU B 131 -3.51 -9.06 8.40
N LEU B 132 -4.02 -9.91 7.50
CA LEU B 132 -4.55 -9.42 6.25
C LEU B 132 -5.81 -8.61 6.46
N ASP B 133 -6.69 -9.08 7.36
CA ASP B 133 -7.92 -8.34 7.66
C ASP B 133 -7.61 -6.99 8.28
N TRP B 134 -6.64 -6.94 9.19
CA TRP B 134 -6.28 -5.68 9.82
C TRP B 134 -5.65 -4.72 8.82
N THR B 135 -4.80 -5.24 7.92
CA THR B 135 -4.15 -4.39 6.92
C THR B 135 -5.17 -3.79 5.96
N VAL B 136 -6.11 -4.62 5.48
CA VAL B 136 -7.11 -4.15 4.52
C VAL B 136 -8.04 -3.12 5.17
N ARG B 137 -8.48 -3.38 6.40
CA ARG B 137 -9.43 -2.49 7.04
C ARG B 137 -8.78 -1.17 7.44
N GLU B 138 -7.53 -1.20 7.91
CA GLU B 138 -6.83 0.04 8.26
C GLU B 138 -6.74 0.95 7.04
N GLU B 139 -6.36 0.41 5.89
CA GLU B 139 -6.26 1.21 4.69
C GLU B 139 -7.62 1.69 4.21
N THR B 140 -8.63 0.82 4.26
CA THR B 140 -9.95 1.18 3.74
C THR B 140 -10.59 2.31 4.55
N LEU B 141 -10.43 2.26 5.88
CA LEU B 141 -11.07 3.26 6.72
C LEU B 141 -10.31 4.57 6.77
N ARG B 142 -9.20 4.70 6.05
CA ARG B 142 -8.55 6.00 5.95
C ARG B 142 -9.38 6.97 5.11
N GLU B 143 -10.23 6.45 4.22
CA GLU B 143 -11.23 7.26 3.53
C GLU B 143 -12.26 7.72 4.55
N GLU B 144 -12.33 9.04 4.79
CA GLU B 144 -13.21 9.54 5.84
C GLU B 144 -14.69 9.32 5.53
N ARG B 145 -15.04 9.21 4.24
CA ARG B 145 -16.44 9.03 3.87
C ARG B 145 -16.93 7.61 4.09
N ILE B 146 -16.08 6.70 4.56
CA ILE B 146 -16.49 5.36 4.99
C ILE B 146 -16.48 5.34 6.51
N ALA B 147 -17.59 4.90 7.11
CA ALA B 147 -17.73 4.83 8.55
C ALA B 147 -18.08 3.40 8.96
N LEU B 148 -17.33 2.86 9.92
CA LEU B 148 -17.57 1.53 10.43
C LEU B 148 -18.30 1.64 11.77
N VAL B 149 -19.52 1.15 11.82
CA VAL B 149 -20.37 1.21 13.02
C VAL B 149 -20.40 -0.18 13.62
N GLU B 150 -19.68 -0.38 14.71
CA GLU B 150 -19.52 -1.69 15.34
C GLU B 150 -20.67 -2.00 16.29
N LYS B 151 -20.68 -3.24 16.76
CA LYS B 151 -21.62 -3.74 17.78
C LYS B 151 -23.05 -3.27 17.55
N THR B 152 -23.55 -3.46 16.33
CA THR B 152 -24.92 -3.09 16.00
C THR B 152 -25.56 -4.15 15.13
N GLU B 153 -26.77 -4.56 15.51
CA GLU B 153 -27.50 -5.61 14.81
C GLU B 153 -28.27 -5.05 13.62
N VAL B 154 -28.55 -5.93 12.67
CA VAL B 154 -29.31 -5.59 11.47
C VAL B 154 -30.72 -6.14 11.66
N LEU B 155 -31.70 -5.25 11.79
CA LEU B 155 -33.06 -5.66 12.13
C LEU B 155 -33.91 -5.96 10.91
N ALA B 156 -33.96 -5.03 9.94
CA ALA B 156 -34.86 -5.20 8.81
C ALA B 156 -34.42 -4.32 7.66
N LEU B 157 -34.87 -4.68 6.46
CA LEU B 157 -34.65 -3.89 5.26
C LEU B 157 -35.80 -2.89 5.10
N LEU B 158 -35.46 -1.63 4.84
CA LEU B 158 -36.47 -0.61 4.61
C LEU B 158 -36.97 -0.68 3.17
N GLY B 159 -38.21 -0.25 2.96
CA GLY B 159 -38.79 -0.23 1.64
C GLY B 159 -39.85 -1.29 1.43
N ASP B 160 -39.79 -1.99 0.30
CA ASP B 160 -40.72 -3.07 -0.01
C ASP B 160 -40.04 -4.04 -0.98
N ALA B 161 -40.83 -5.00 -1.49
CA ALA B 161 -40.30 -5.98 -2.42
C ALA B 161 -39.93 -5.38 -3.78
N GLY B 162 -40.18 -4.09 -3.98
CA GLY B 162 -39.83 -3.45 -5.23
C GLY B 162 -38.59 -2.59 -5.14
N ARG B 163 -38.31 -2.08 -3.95
CA ARG B 163 -37.13 -1.22 -3.76
C ARG B 163 -36.74 -1.22 -2.29
N VAL B 164 -35.49 -1.58 -2.02
CA VAL B 164 -34.92 -1.45 -0.68
C VAL B 164 -34.34 -0.05 -0.55
N THR B 165 -34.68 0.63 0.56
CA THR B 165 -34.29 2.02 0.76
C THR B 165 -33.40 2.23 1.99
N GLY B 166 -32.86 1.17 2.57
CA GLY B 166 -32.02 1.27 3.74
C GLY B 166 -32.29 0.14 4.70
N VAL B 167 -31.74 0.26 5.90
CA VAL B 167 -31.85 -0.77 6.93
C VAL B 167 -32.21 -0.13 8.27
N ARG B 168 -32.97 -0.85 9.07
CA ARG B 168 -33.19 -0.52 10.47
C ARG B 168 -32.20 -1.30 11.30
N VAL B 169 -31.49 -0.61 12.19
CA VAL B 169 -30.42 -1.21 12.98
C VAL B 169 -30.71 -0.98 14.47
N ARG B 170 -29.94 -1.67 15.30
CA ARG B 170 -30.06 -1.53 16.75
C ARG B 170 -28.66 -1.57 17.37
N ASP B 171 -28.32 -0.53 18.13
CA ASP B 171 -27.07 -0.55 18.89
C ASP B 171 -27.19 -1.51 20.07
N GLN B 172 -26.16 -2.34 20.26
CA GLN B 172 -26.26 -3.38 21.28
C GLN B 172 -26.00 -2.83 22.68
N GLU B 173 -25.08 -1.88 22.82
CA GLU B 173 -24.82 -1.32 24.14
C GLU B 173 -25.98 -0.45 24.59
N SER B 174 -26.54 0.33 23.68
CA SER B 174 -27.61 1.28 23.94
C SER B 174 -29.01 0.68 23.87
N GLY B 175 -29.27 -0.19 22.89
CA GLY B 175 -30.61 -0.69 22.64
C GLY B 175 -31.45 0.19 21.75
N GLU B 176 -30.93 1.34 21.33
CA GLU B 176 -31.70 2.24 20.48
C GLU B 176 -31.74 1.73 19.05
N GLU B 177 -32.86 1.97 18.39
CA GLU B 177 -33.06 1.57 17.00
C GLU B 177 -33.19 2.81 16.12
N ARG B 178 -32.53 2.79 14.97
CA ARG B 178 -32.62 3.87 14.01
C ARG B 178 -32.67 3.30 12.60
N GLU B 179 -33.14 4.12 11.67
CA GLU B 179 -33.18 3.77 10.27
C GLU B 179 -32.04 4.47 9.55
N VAL B 180 -31.23 3.69 8.83
CA VAL B 180 -30.12 4.20 8.04
C VAL B 180 -30.53 4.15 6.56
N PRO B 181 -30.77 5.28 5.93
CA PRO B 181 -31.20 5.27 4.52
C PRO B 181 -30.03 5.07 3.58
N ALA B 182 -30.33 4.48 2.43
CA ALA B 182 -29.29 4.17 1.45
C ALA B 182 -29.92 3.98 0.08
N ASP B 183 -29.17 4.38 -0.95
CA ASP B 183 -29.56 4.07 -2.33
C ASP B 183 -29.19 2.64 -2.71
N LEU B 184 -28.23 2.05 -2.00
CA LEU B 184 -27.78 0.69 -2.27
C LEU B 184 -27.47 0.01 -0.95
N VAL B 185 -27.99 -1.21 -0.77
CA VAL B 185 -27.71 -2.01 0.40
C VAL B 185 -26.97 -3.26 -0.06
N VAL B 186 -25.73 -3.43 0.38
CA VAL B 186 -24.89 -4.55 0.03
C VAL B 186 -24.78 -5.47 1.24
N ASP B 187 -25.15 -6.74 1.06
CA ASP B 187 -25.02 -7.73 2.12
C ASP B 187 -23.71 -8.48 1.95
N THR B 188 -22.78 -8.25 2.88
CA THR B 188 -21.51 -8.96 2.94
C THR B 188 -21.30 -9.52 4.34
N THR B 189 -22.34 -10.16 4.88
CA THR B 189 -22.31 -10.70 6.24
C THR B 189 -21.74 -12.10 6.31
N GLY B 190 -21.25 -12.65 5.20
CA GLY B 190 -20.54 -13.91 5.25
C GLY B 190 -21.45 -15.13 5.25
N ARG B 191 -20.89 -16.24 5.77
CA ARG B 191 -21.60 -17.51 5.74
C ARG B 191 -22.85 -17.48 6.60
N GLY B 192 -22.84 -16.71 7.68
CA GLY B 192 -23.99 -16.62 8.56
C GLY B 192 -24.94 -15.51 8.20
N SER B 193 -25.05 -15.22 6.90
CA SER B 193 -25.83 -14.08 6.46
C SER B 193 -27.31 -14.27 6.82
N PRO B 194 -27.97 -13.23 7.31
CA PRO B 194 -29.39 -13.36 7.67
C PRO B 194 -30.33 -12.94 6.55
N MET B 195 -29.83 -12.89 5.32
CA MET B 195 -30.61 -12.31 4.23
C MET B 195 -31.85 -13.14 3.94
N LYS B 196 -31.80 -14.46 4.18
CA LYS B 196 -32.99 -15.28 4.00
C LYS B 196 -34.12 -14.79 4.89
N ARG B 197 -33.82 -14.49 6.16
CA ARG B 197 -34.83 -13.93 7.05
C ARG B 197 -35.19 -12.52 6.63
N LEU B 198 -34.19 -11.69 6.31
CA LEU B 198 -34.46 -10.32 5.90
C LEU B 198 -35.37 -10.26 4.67
N LEU B 199 -35.27 -11.25 3.79
CA LEU B 199 -36.11 -11.24 2.60
C LEU B 199 -37.52 -11.72 2.91
N ALA B 200 -37.68 -12.66 3.85
CA ALA B 200 -39.01 -13.14 4.19
C ALA B 200 -39.82 -12.06 4.90
N GLU B 201 -39.16 -11.28 5.77
CA GLU B 201 -39.84 -10.15 6.39
C GLU B 201 -40.17 -9.06 5.38
N LEU B 202 -39.45 -9.02 4.26
CA LEU B 202 -39.74 -8.08 3.17
C LEU B 202 -40.85 -8.59 2.24
N GLY B 203 -41.25 -9.85 2.37
CA GLY B 203 -42.30 -10.41 1.54
C GLY B 203 -41.81 -11.26 0.39
N LEU B 204 -40.45 -11.39 0.21
CA LEU B 204 -39.92 -12.08 -0.95
C LEU B 204 -39.69 -13.57 -0.67
N PRO B 205 -39.88 -14.41 -1.67
CA PRO B 205 -39.64 -15.85 -1.48
C PRO B 205 -38.16 -16.14 -1.27
N ALA B 206 -37.89 -17.40 -0.94
CA ALA B 206 -36.53 -17.86 -0.68
C ALA B 206 -35.84 -18.27 -1.99
N PRO B 207 -34.56 -17.98 -2.11
CA PRO B 207 -33.82 -18.36 -3.32
C PRO B 207 -33.47 -19.84 -3.32
N GLU B 208 -33.22 -20.36 -4.52
CA GLU B 208 -32.80 -21.75 -4.67
C GLU B 208 -31.43 -21.95 -4.05
N GLU B 209 -31.29 -23.01 -3.26
CA GLU B 209 -30.07 -23.31 -2.52
C GLU B 209 -29.38 -24.50 -3.15
N GLU B 210 -28.16 -24.30 -3.63
CA GLU B 210 -27.34 -25.34 -4.21
C GLU B 210 -26.14 -25.60 -3.30
N PHE B 211 -25.92 -26.86 -2.93
CA PHE B 211 -24.77 -27.17 -2.10
C PHE B 211 -24.18 -28.52 -2.47
N VAL B 212 -22.87 -28.63 -2.24
CA VAL B 212 -22.13 -29.89 -2.40
C VAL B 212 -21.32 -30.07 -1.12
N ASP B 213 -21.73 -31.02 -0.28
CA ASP B 213 -21.17 -31.21 1.06
C ASP B 213 -20.34 -32.47 1.07
N SER B 214 -19.01 -32.31 1.14
CA SER B 214 -18.09 -33.44 1.22
C SER B 214 -17.79 -33.85 2.66
N GLY B 215 -18.29 -33.10 3.64
CA GLY B 215 -17.98 -33.42 5.03
C GLY B 215 -16.58 -33.07 5.46
N MET B 216 -15.92 -32.14 4.76
CA MET B 216 -14.53 -31.83 5.03
C MET B 216 -14.38 -31.17 6.41
N VAL B 217 -13.37 -31.61 7.15
CA VAL B 217 -13.09 -31.10 8.48
C VAL B 217 -11.64 -30.64 8.53
N TYR B 218 -11.42 -29.41 9.01
CA TYR B 218 -10.09 -28.85 9.12
C TYR B 218 -9.50 -29.11 10.50
N ALA B 219 -8.18 -29.14 10.56
CA ALA B 219 -7.46 -29.25 11.83
C ALA B 219 -6.15 -28.48 11.70
N THR B 220 -5.95 -27.50 12.56
CA THR B 220 -4.87 -26.54 12.41
C THR B 220 -4.01 -26.49 13.67
N ARG B 221 -2.70 -26.43 13.47
CA ARG B 221 -1.73 -26.17 14.53
C ARG B 221 -0.74 -25.13 14.04
N LEU B 222 -0.25 -24.32 14.96
CA LEU B 222 0.81 -23.35 14.67
C LEU B 222 2.15 -23.90 15.14
N PHE B 223 3.18 -23.68 14.33
CA PHE B 223 4.52 -24.17 14.63
C PHE B 223 5.52 -23.03 14.52
N ARG B 224 6.61 -23.14 15.28
CA ARG B 224 7.73 -22.21 15.17
C ARG B 224 8.73 -22.81 14.21
N ALA B 225 8.90 -22.16 13.06
CA ALA B 225 9.81 -22.69 12.05
C ALA B 225 11.25 -22.64 12.55
N PRO B 226 12.10 -23.56 12.06
CA PRO B 226 13.54 -23.43 12.35
C PRO B 226 14.06 -22.07 11.92
N GLU B 227 15.04 -21.57 12.68
CA GLU B 227 15.48 -20.18 12.54
C GLU B 227 15.82 -19.84 11.09
N ALA B 228 16.64 -20.67 10.46
CA ALA B 228 17.06 -20.39 9.08
C ALA B 228 15.94 -20.55 8.08
N ALA B 229 14.83 -21.19 8.44
CA ALA B 229 13.73 -21.41 7.51
C ALA B 229 12.57 -20.44 7.70
N ALA B 230 12.76 -19.40 8.53
CA ALA B 230 11.71 -18.39 8.70
C ALA B 230 11.56 -17.51 7.46
N THR B 231 12.58 -17.46 6.63
CA THR B 231 12.63 -16.72 5.38
C THR B 231 12.73 -17.73 4.24
N ASN B 232 12.10 -17.45 3.10
CA ASN B 232 12.39 -18.22 1.89
C ASN B 232 11.82 -19.63 1.92
N PHE B 233 10.79 -19.87 2.71
CA PHE B 233 10.45 -21.28 2.69
C PHE B 233 9.25 -21.53 1.78
N PRO B 234 9.25 -22.63 1.03
CA PRO B 234 8.16 -22.87 0.07
C PRO B 234 6.88 -23.35 0.74
N LEU B 235 5.77 -23.10 0.06
CA LEU B 235 4.49 -23.70 0.44
C LEU B 235 4.54 -25.20 0.16
N VAL B 236 4.18 -26.00 1.17
CA VAL B 236 4.22 -27.46 1.07
C VAL B 236 2.81 -28.01 1.17
N SER B 237 2.41 -28.80 0.18
CA SER B 237 1.05 -29.31 0.07
C SER B 237 1.08 -30.78 -0.30
N VAL B 238 0.28 -31.59 0.39
CA VAL B 238 0.03 -32.98 0.00
C VAL B 238 -1.47 -33.10 -0.28
N HIS B 239 -1.81 -33.35 -1.55
CA HIS B 239 -3.20 -33.38 -2.01
C HIS B 239 -3.76 -34.80 -1.94
N ALA B 240 -5.09 -34.87 -1.90
CA ALA B 240 -5.78 -36.13 -2.06
C ALA B 240 -5.91 -36.45 -3.55
N ASP B 241 -6.28 -37.71 -3.84
CA ASP B 241 -6.56 -38.14 -5.22
C ASP B 241 -8.08 -38.14 -5.39
N HIS B 242 -8.61 -37.08 -6.00
CA HIS B 242 -10.04 -36.98 -6.20
C HIS B 242 -10.60 -38.03 -7.16
N ARG B 243 -9.73 -38.77 -7.86
CA ARG B 243 -10.17 -39.84 -8.73
C ARG B 243 -10.36 -41.16 -8.01
N ALA B 244 -9.67 -41.37 -6.89
CA ALA B 244 -9.87 -42.57 -6.09
C ALA B 244 -11.19 -42.48 -5.33
N GLY B 245 -11.77 -43.65 -5.06
CA GLY B 245 -13.04 -43.72 -4.34
C GLY B 245 -12.89 -43.79 -2.84
N ARG B 246 -11.82 -43.21 -2.30
CA ARG B 246 -11.56 -43.20 -0.87
C ARG B 246 -11.67 -41.78 -0.30
N PRO B 247 -11.91 -41.66 1.01
CA PRO B 247 -11.98 -40.32 1.61
C PRO B 247 -10.71 -39.51 1.34
N GLY B 248 -10.91 -38.27 0.92
CA GLY B 248 -9.81 -37.38 0.56
C GLY B 248 -9.11 -36.73 1.75
N CYS B 249 -7.81 -36.94 1.87
CA CYS B 249 -7.02 -36.41 2.98
C CYS B 249 -5.97 -35.45 2.43
N ASN B 250 -5.83 -34.29 3.07
CA ASN B 250 -4.85 -33.29 2.67
C ASN B 250 -4.00 -32.88 3.87
N ALA B 251 -2.82 -32.35 3.56
CA ALA B 251 -1.93 -31.77 4.58
C ALA B 251 -1.17 -30.63 3.92
N VAL B 252 -1.25 -29.44 4.52
CA VAL B 252 -0.64 -28.24 3.97
C VAL B 252 0.22 -27.57 5.03
N LEU B 253 1.41 -27.12 4.63
CA LEU B 253 2.30 -26.34 5.48
C LEU B 253 2.53 -25.00 4.82
N MET B 254 2.13 -23.92 5.50
CA MET B 254 2.19 -22.59 4.94
C MET B 254 2.99 -21.68 5.86
N PRO B 255 4.02 -21.00 5.36
CA PRO B 255 4.72 -20.02 6.19
C PRO B 255 3.91 -18.75 6.35
N ILE B 256 3.89 -18.23 7.58
CA ILE B 256 3.23 -16.96 7.86
C ILE B 256 4.23 -16.03 8.51
N GLU B 257 3.78 -14.83 8.89
CA GLU B 257 4.68 -13.81 9.43
C GLU B 257 5.27 -14.24 10.76
N ASP B 258 6.39 -13.59 11.11
CA ASP B 258 7.06 -13.76 12.40
C ASP B 258 7.61 -15.18 12.57
N GLY B 259 8.08 -15.76 11.49
CA GLY B 259 8.78 -17.03 11.55
C GLY B 259 7.93 -18.22 11.97
N ARG B 260 6.63 -18.17 11.76
CA ARG B 260 5.76 -19.26 12.17
C ARG B 260 5.30 -20.06 10.95
N TRP B 261 4.86 -21.28 11.22
CA TRP B 261 4.26 -22.15 10.22
C TRP B 261 2.85 -22.51 10.65
N ILE B 262 1.88 -22.32 9.75
CA ILE B 262 0.52 -22.77 9.97
C ILE B 262 0.34 -24.07 9.19
N VAL B 263 -0.03 -25.13 9.90
CA VAL B 263 -0.12 -26.47 9.34
C VAL B 263 -1.56 -26.94 9.43
N THR B 264 -2.19 -27.17 8.27
CA THR B 264 -3.57 -27.58 8.21
C THR B 264 -3.67 -28.96 7.56
N VAL B 265 -4.29 -29.90 8.27
CA VAL B 265 -4.64 -31.18 7.71
C VAL B 265 -6.16 -31.24 7.60
N SER B 266 -6.63 -32.09 6.69
CA SER B 266 -8.06 -32.13 6.41
C SER B 266 -8.42 -33.49 5.85
N GLY B 267 -9.71 -33.81 5.96
CA GLY B 267 -10.23 -35.06 5.44
C GLY B 267 -11.72 -34.98 5.24
N THR B 268 -12.22 -35.71 4.26
CA THR B 268 -13.64 -35.75 3.96
C THR B 268 -14.31 -36.74 4.91
N ARG B 269 -15.57 -37.09 4.62
CA ARG B 269 -16.31 -37.98 5.51
C ARG B 269 -15.64 -39.35 5.55
N GLY B 270 -15.49 -39.89 6.75
CA GLY B 270 -14.79 -41.14 6.96
C GLY B 270 -13.29 -41.02 7.07
N GLY B 271 -12.74 -39.82 6.95
CA GLY B 271 -11.30 -39.62 7.03
C GLY B 271 -10.96 -38.32 7.72
N GLU B 272 -11.80 -37.93 8.67
CA GLU B 272 -11.64 -36.65 9.33
C GLU B 272 -10.41 -36.66 10.23
N PRO B 273 -9.65 -35.57 10.29
CA PRO B 273 -8.49 -35.52 11.17
C PRO B 273 -8.93 -35.45 12.62
N PRO B 274 -8.16 -36.01 13.54
CA PRO B 274 -8.57 -36.06 14.94
C PRO B 274 -8.44 -34.69 15.61
N ALA B 275 -8.94 -34.61 16.84
CA ALA B 275 -8.97 -33.36 17.59
C ALA B 275 -7.81 -33.19 18.55
N ASP B 276 -7.07 -34.25 18.85
CA ASP B 276 -5.99 -34.15 19.83
C ASP B 276 -4.65 -33.86 19.14
N ASP B 277 -3.71 -33.36 19.94
CA ASP B 277 -2.41 -32.97 19.40
C ASP B 277 -1.62 -34.18 18.93
N GLU B 278 -1.67 -35.29 19.67
CA GLU B 278 -0.92 -36.48 19.29
C GLU B 278 -1.35 -36.99 17.91
N GLY B 279 -2.66 -37.12 17.69
CA GLY B 279 -3.15 -37.61 16.43
C GLY B 279 -2.92 -36.69 15.25
N PHE B 280 -2.68 -35.40 15.52
CA PHE B 280 -2.45 -34.44 14.44
C PHE B 280 -1.20 -34.80 13.64
N ALA B 281 -0.08 -34.98 14.32
CA ALA B 281 1.16 -35.32 13.62
C ALA B 281 1.07 -36.70 12.98
N ARG B 282 0.40 -37.64 13.63
CA ARG B 282 0.22 -38.97 13.04
C ARG B 282 -0.58 -38.88 11.74
N PHE B 283 -1.62 -38.04 11.72
CA PHE B 283 -2.39 -37.84 10.50
C PHE B 283 -1.52 -37.24 9.40
N ALA B 284 -0.70 -36.25 9.74
CA ALA B 284 0.18 -35.63 8.76
C ALA B 284 1.19 -36.61 8.18
N ARG B 285 1.50 -37.69 8.89
CA ARG B 285 2.47 -38.68 8.44
C ARG B 285 1.83 -39.87 7.75
N ASP B 286 0.73 -40.41 8.29
CA ASP B 286 0.13 -41.63 7.77
C ASP B 286 -1.30 -41.44 7.25
N GLY B 287 -1.95 -40.31 7.54
CA GLY B 287 -3.28 -40.08 7.03
C GLY B 287 -3.35 -39.62 5.59
N VAL B 288 -2.25 -39.07 5.06
CA VAL B 288 -2.23 -38.54 3.71
C VAL B 288 -1.37 -39.44 2.83
N ARG B 289 -1.30 -39.10 1.54
CA ARG B 289 -0.62 -39.94 0.56
C ARG B 289 0.89 -39.81 0.59
N HIS B 290 1.44 -38.80 1.28
CA HIS B 290 2.88 -38.65 1.40
C HIS B 290 3.19 -37.98 2.74
N PRO B 291 4.19 -38.46 3.47
CA PRO B 291 4.42 -37.95 4.83
C PRO B 291 5.36 -36.76 4.90
N LEU B 292 5.49 -36.00 3.82
CA LEU B 292 6.45 -34.89 3.81
C LEU B 292 6.13 -33.86 4.88
N VAL B 293 4.87 -33.45 4.97
CA VAL B 293 4.48 -32.45 5.96
C VAL B 293 4.74 -32.96 7.37
N GLY B 294 4.41 -34.22 7.63
CA GLY B 294 4.72 -34.82 8.93
C GLY B 294 6.21 -34.81 9.23
N GLU B 295 7.04 -35.03 8.21
CA GLU B 295 8.49 -34.99 8.41
C GLU B 295 8.96 -33.58 8.74
N LEU B 296 8.35 -32.57 8.13
CA LEU B 296 8.81 -31.19 8.33
C LEU B 296 8.44 -30.67 9.70
N ILE B 297 7.20 -30.92 10.15
CA ILE B 297 6.74 -30.35 11.42
C ILE B 297 7.56 -30.89 12.58
N ALA B 298 8.13 -32.08 12.46
CA ALA B 298 8.99 -32.64 13.49
C ALA B 298 10.34 -31.91 13.50
C ELY B 299 11.30 -28.55 13.43
N ELY B 299 10.70 -30.80 12.67
O ELY B 299 12.19 -27.75 13.85
CA ELY B 299 11.81 -29.83 12.74
CB ELY B 299 12.33 -29.53 11.32
CD ELY B 299 13.71 -31.74 10.98
CE ELY B 299 14.36 -32.59 9.91
CG ELY B 299 12.76 -30.69 10.41
NZ ELY B 299 15.33 -33.61 10.41
CH1 ELY B 299 16.53 -32.99 11.05
CH2 ELY B 299 15.84 -34.34 9.23
CT1 ELY B 299 16.64 -33.21 12.53
CT2 ELY B 299 16.77 -35.49 9.57
N ALA B 300 10.01 -28.67 14.01
CA ALA B 300 9.56 -27.37 14.45
C ALA B 300 8.88 -27.46 15.81
N GLN B 301 8.79 -26.34 16.53
CA GLN B 301 8.21 -26.33 17.86
C GLN B 301 6.73 -25.99 17.76
N PRO B 302 5.83 -26.87 18.20
CA PRO B 302 4.40 -26.52 18.17
C PRO B 302 4.10 -25.38 19.13
N LEU B 303 3.21 -24.49 18.69
CA LEU B 303 2.85 -23.31 19.47
C LEU B 303 1.40 -23.32 19.93
N THR B 304 0.53 -24.08 19.28
CA THR B 304 -0.89 -24.11 19.59
C THR B 304 -1.36 -25.56 19.65
N SER B 305 -2.43 -25.79 20.40
CA SER B 305 -3.07 -27.09 20.28
C SER B 305 -4.00 -27.08 19.06
N VAL B 306 -4.55 -28.26 18.76
CA VAL B 306 -5.35 -28.43 17.55
C VAL B 306 -6.66 -27.66 17.67
N GLU B 307 -6.97 -26.88 16.63
CA GLU B 307 -8.26 -26.21 16.49
C GLU B 307 -8.91 -26.71 15.22
N ARG B 308 -10.17 -27.11 15.30
CA ARG B 308 -10.85 -27.71 14.16
C ARG B 308 -11.91 -26.77 13.61
N SER B 309 -12.27 -27.03 12.35
CA SER B 309 -13.37 -26.34 11.70
C SER B 309 -14.04 -27.33 10.76
N ARG B 310 -15.37 -27.29 10.72
CA ARG B 310 -16.13 -28.12 9.78
C ARG B 310 -17.02 -27.27 8.87
N SER B 311 -16.75 -25.97 8.78
CA SER B 311 -17.50 -25.07 7.91
C SER B 311 -16.79 -25.05 6.54
N THR B 312 -17.07 -26.11 5.78
CA THR B 312 -16.40 -26.39 4.52
C THR B 312 -17.36 -26.72 3.39
N VAL B 313 -18.66 -26.46 3.56
CA VAL B 313 -19.66 -26.80 2.55
C VAL B 313 -19.58 -25.81 1.40
N ASN B 314 -19.60 -26.33 0.17
CA ASN B 314 -19.79 -25.49 -1.01
C ASN B 314 -21.27 -25.13 -1.08
N ARG B 315 -21.59 -23.86 -0.81
CA ARG B 315 -22.97 -23.40 -0.71
C ARG B 315 -23.18 -22.20 -1.61
N ARG B 316 -24.24 -22.23 -2.40
CA ARG B 316 -24.53 -21.16 -3.37
C ARG B 316 -26.01 -20.81 -3.33
N LEU B 317 -26.31 -19.52 -3.18
CA LEU B 317 -27.67 -19.01 -3.12
C LEU B 317 -27.95 -18.22 -4.39
N HIS B 318 -28.96 -18.63 -5.15
CA HIS B 318 -29.24 -18.04 -6.46
C HIS B 318 -30.21 -16.87 -6.32
N TYR B 319 -29.73 -15.81 -5.67
CA TYR B 319 -30.52 -14.58 -5.58
C TYR B 319 -30.78 -13.99 -6.96
N ASP B 320 -29.87 -14.22 -7.92
CA ASP B 320 -29.99 -13.59 -9.23
C ASP B 320 -31.14 -14.17 -10.04
N ARG B 321 -31.61 -15.37 -9.71
CA ARG B 321 -32.66 -16.04 -10.45
C ARG B 321 -34.01 -15.97 -9.74
N LEU B 322 -34.14 -15.12 -8.73
CA LEU B 322 -35.42 -14.97 -8.07
C LEU B 322 -36.40 -14.24 -8.99
N ALA B 323 -37.67 -14.62 -8.92
CA ALA B 323 -38.68 -14.00 -9.77
C ALA B 323 -38.73 -12.49 -9.56
N THR B 324 -38.71 -12.06 -8.30
CA THR B 324 -38.72 -10.65 -7.94
C THR B 324 -37.46 -10.31 -7.15
N TRP B 325 -36.73 -9.29 -7.61
CA TRP B 325 -35.56 -8.79 -6.90
C TRP B 325 -35.71 -7.28 -6.72
N PRO B 326 -35.54 -6.77 -5.50
CA PRO B 326 -35.77 -5.34 -5.26
C PRO B 326 -34.63 -4.49 -5.81
N GLU B 327 -34.97 -3.25 -6.14
CA GLU B 327 -33.95 -2.29 -6.57
C GLU B 327 -33.04 -1.94 -5.39
N GLY B 328 -31.78 -1.64 -5.71
CA GLY B 328 -30.86 -1.18 -4.69
C GLY B 328 -30.48 -2.22 -3.65
N LEU B 329 -30.55 -3.50 -4.00
CA LEU B 329 -30.18 -4.59 -3.09
C LEU B 329 -29.25 -5.55 -3.81
N VAL B 330 -28.09 -5.81 -3.22
CA VAL B 330 -27.09 -6.67 -3.84
C VAL B 330 -26.43 -7.49 -2.73
N VAL B 331 -26.14 -8.76 -3.06
CA VAL B 331 -25.51 -9.70 -2.13
C VAL B 331 -24.24 -10.22 -2.78
N LEU B 332 -23.13 -10.16 -2.05
CA LEU B 332 -21.86 -10.70 -2.56
C LEU B 332 -21.03 -11.21 -1.38
N GLY B 333 -19.98 -11.95 -1.71
CA GLY B 333 -19.15 -12.57 -0.69
C GLY B 333 -19.67 -13.96 -0.34
N ASP B 334 -19.26 -14.43 0.85
CA ASP B 334 -19.73 -15.71 1.34
C ASP B 334 -21.24 -15.76 1.51
N ALA B 335 -21.91 -14.60 1.55
CA ALA B 335 -23.36 -14.59 1.71
C ALA B 335 -24.08 -15.18 0.50
N VAL B 336 -23.48 -15.09 -0.69
CA VAL B 336 -24.10 -15.62 -1.89
C VAL B 336 -23.42 -16.89 -2.39
N ALA B 337 -22.12 -17.04 -2.17
CA ALA B 337 -21.39 -18.23 -2.65
C ALA B 337 -20.24 -18.53 -1.71
N ALA B 338 -20.30 -19.69 -1.06
CA ALA B 338 -19.24 -20.18 -0.20
C ALA B 338 -18.67 -21.46 -0.79
N PHE B 339 -17.42 -21.77 -0.45
CA PHE B 339 -16.69 -22.84 -1.11
C PHE B 339 -15.91 -23.65 -0.09
N ASN B 340 -15.58 -24.88 -0.48
CA ASN B 340 -14.67 -25.70 0.29
C ASN B 340 -13.31 -25.00 0.34
N PRO B 341 -12.80 -24.66 1.52
CA PRO B 341 -11.62 -23.79 1.59
C PRO B 341 -10.32 -24.43 1.14
N VAL B 342 -10.28 -25.75 0.93
CA VAL B 342 -9.03 -26.39 0.53
C VAL B 342 -8.54 -25.88 -0.82
N TYR B 343 -9.43 -25.30 -1.62
CA TYR B 343 -9.04 -24.69 -2.89
C TYR B 343 -8.70 -23.22 -2.74
N GLY B 344 -9.02 -22.61 -1.60
CA GLY B 344 -8.53 -21.29 -1.26
C GLY B 344 -8.97 -20.17 -2.19
N HIS B 345 -10.22 -20.22 -2.67
CA HIS B 345 -10.74 -19.23 -3.60
C HIS B 345 -11.69 -18.23 -2.95
N GLY B 346 -12.02 -18.41 -1.67
CA GLY B 346 -13.07 -17.61 -1.04
C GLY B 346 -12.83 -16.11 -1.15
N MET B 347 -11.64 -15.66 -0.76
CA MET B 347 -11.36 -14.23 -0.79
C MET B 347 -11.17 -13.72 -2.21
N SER B 348 -10.66 -14.56 -3.11
CA SER B 348 -10.47 -14.12 -4.49
C SER B 348 -11.80 -14.04 -5.23
N ALA B 349 -12.74 -14.93 -4.92
CA ALA B 349 -14.07 -14.86 -5.50
C ALA B 349 -14.80 -13.60 -5.05
N ALA B 350 -14.72 -13.27 -3.75
CA ALA B 350 -15.34 -12.05 -3.26
C ALA B 350 -14.71 -10.82 -3.90
N ALA B 351 -13.39 -10.84 -4.10
CA ALA B 351 -12.72 -9.71 -4.73
C ALA B 351 -13.19 -9.54 -6.17
N HIS B 352 -13.36 -10.66 -6.90
CA HIS B 352 -13.88 -10.57 -8.26
C HIS B 352 -15.33 -10.10 -8.27
N SER B 353 -16.10 -10.47 -7.24
CA SER B 353 -17.49 -10.01 -7.14
C SER B 353 -17.57 -8.50 -7.00
N VAL B 354 -16.66 -7.91 -6.24
CA VAL B 354 -16.65 -6.46 -6.05
C VAL B 354 -16.45 -5.75 -7.38
N LEU B 355 -15.58 -6.30 -8.24
CA LEU B 355 -15.35 -5.68 -9.54
C LEU B 355 -16.56 -5.87 -10.46
N ALA B 356 -17.30 -6.97 -10.30
CA ALA B 356 -18.52 -7.16 -11.08
C ALA B 356 -19.55 -6.09 -10.75
N LEU B 357 -19.73 -5.78 -9.47
CA LEU B 357 -20.60 -4.68 -9.07
C LEU B 357 -20.08 -3.36 -9.63
N ARG B 358 -18.76 -3.13 -9.53
CA ARG B 358 -18.17 -1.93 -10.09
C ARG B 358 -18.38 -1.84 -11.60
N SER B 359 -18.38 -2.99 -12.28
CA SER B 359 -18.58 -2.99 -13.73
C SER B 359 -19.98 -2.52 -14.10
N GLN B 360 -20.98 -2.90 -13.31
CA GLN B 360 -22.34 -2.48 -13.60
C GLN B 360 -22.63 -1.07 -13.10
N LEU B 361 -21.88 -0.58 -12.12
CA LEU B 361 -22.02 0.81 -11.71
C LEU B 361 -21.48 1.75 -12.78
N GLY B 362 -20.39 1.37 -13.44
CA GLY B 362 -19.87 2.16 -14.54
C GLY B 362 -20.76 2.16 -15.76
N GLN B 363 -21.62 1.16 -15.90
CA GLN B 363 -22.51 1.02 -17.05
C GLN B 363 -23.90 1.59 -16.81
N ARG B 364 -24.44 1.45 -15.60
CA ARG B 364 -25.81 1.85 -15.30
C ARG B 364 -25.93 2.91 -14.22
N ALA B 365 -24.82 3.30 -13.59
CA ALA B 365 -24.83 4.25 -12.47
C ALA B 365 -25.77 3.68 -11.41
N PHE B 366 -26.74 4.45 -10.90
CA PHE B 366 -27.71 3.95 -9.95
C PHE B 366 -29.12 3.94 -10.54
N GLN B 367 -29.22 3.74 -11.86
CA GLN B 367 -30.50 3.69 -12.53
C GLN B 367 -31.24 2.40 -12.18
N PRO B 368 -32.56 2.38 -12.39
CA PRO B 368 -33.30 1.13 -12.17
C PRO B 368 -32.74 -0.02 -13.00
N GLY B 369 -32.65 -1.19 -12.37
CA GLY B 369 -32.10 -2.37 -13.00
C GLY B 369 -30.67 -2.67 -12.65
N LEU B 370 -30.01 -1.82 -11.84
CA LEU B 370 -28.63 -2.06 -11.48
C LEU B 370 -28.50 -3.30 -10.58
N ALA B 371 -29.37 -3.40 -9.57
CA ALA B 371 -29.25 -4.48 -8.59
C ALA B 371 -29.36 -5.85 -9.25
N ARG B 372 -30.36 -6.01 -10.11
CA ARG B 372 -30.52 -7.29 -10.81
C ARG B 372 -29.34 -7.57 -11.73
N ALA B 373 -28.87 -6.54 -12.44
CA ALA B 373 -27.70 -6.72 -13.30
C ALA B 373 -26.44 -6.98 -12.49
N ALA B 374 -26.30 -6.31 -11.34
CA ALA B 374 -25.14 -6.57 -10.49
C ALA B 374 -25.17 -7.98 -9.94
N GLN B 375 -26.34 -8.44 -9.50
CA GLN B 375 -26.44 -9.79 -8.96
C GLN B 375 -26.17 -10.84 -10.02
N ARG B 376 -26.52 -10.57 -11.28
CA ARG B 376 -26.25 -11.53 -12.35
C ARG B 376 -24.77 -11.57 -12.68
N ALA B 377 -24.09 -10.42 -12.66
CA ALA B 377 -22.64 -10.42 -12.88
C ALA B 377 -21.90 -11.05 -11.72
N ILE B 378 -22.40 -10.90 -10.50
CA ILE B 378 -21.78 -11.53 -9.35
C ILE B 378 -21.86 -13.05 -9.46
N ALA B 379 -22.98 -13.56 -9.98
CA ALA B 379 -23.12 -14.99 -10.21
C ALA B 379 -22.09 -15.49 -11.20
N VAL B 380 -21.82 -14.70 -12.24
CA VAL B 380 -20.78 -15.06 -13.20
C VAL B 380 -19.41 -15.01 -12.55
N ALA B 381 -19.16 -14.01 -11.70
CA ALA B 381 -17.83 -13.82 -11.14
C ALA B 381 -17.41 -14.96 -10.22
N VAL B 382 -18.37 -15.63 -9.58
CA VAL B 382 -18.05 -16.71 -8.64
C VAL B 382 -18.14 -18.09 -9.28
N ASP B 383 -18.59 -18.18 -10.54
CA ASP B 383 -18.89 -19.49 -11.12
C ASP B 383 -17.63 -20.34 -11.28
N ASP B 384 -16.50 -19.72 -11.62
CA ASP B 384 -15.27 -20.49 -11.83
C ASP B 384 -14.80 -21.12 -10.52
N ALA B 385 -14.75 -20.35 -9.44
CA ALA B 385 -14.40 -20.92 -8.15
C ALA B 385 -15.40 -22.00 -7.74
N TRP B 386 -16.67 -21.79 -8.05
CA TRP B 386 -17.68 -22.80 -7.77
C TRP B 386 -17.40 -24.09 -8.54
N VAL B 387 -17.07 -23.97 -9.84
CA VAL B 387 -16.85 -25.15 -10.67
C VAL B 387 -15.60 -25.89 -10.22
N LEU B 388 -14.51 -25.17 -9.97
CA LEU B 388 -13.26 -25.83 -9.57
C LEU B 388 -13.43 -26.61 -8.26
N ALA B 389 -14.18 -26.06 -7.31
CA ALA B 389 -14.34 -26.71 -6.02
C ALA B 389 -15.31 -27.88 -6.10
N THR B 390 -16.48 -27.68 -6.71
CA THR B 390 -17.52 -28.70 -6.68
C THR B 390 -17.20 -29.87 -7.59
N SER B 391 -16.54 -29.62 -8.73
CA SER B 391 -16.22 -30.71 -9.65
C SER B 391 -15.27 -31.72 -9.01
N HIS B 392 -14.43 -31.28 -8.08
CA HIS B 392 -13.50 -32.17 -7.39
C HIS B 392 -14.07 -32.79 -6.14
N ASP B 393 -15.09 -32.18 -5.52
CA ASP B 393 -15.62 -32.66 -4.25
C ASP B 393 -16.67 -33.74 -4.42
N ILE B 394 -17.39 -33.76 -5.54
CA ILE B 394 -18.49 -34.70 -5.72
C ILE B 394 -18.03 -36.15 -5.72
N GLY B 395 -16.77 -36.42 -6.09
CA GLY B 395 -16.31 -37.78 -6.21
C GLY B 395 -16.10 -38.49 -4.89
N TYR B 396 -15.93 -37.74 -3.80
CA TYR B 396 -15.56 -38.34 -2.54
C TYR B 396 -16.73 -39.12 -1.95
N PRO B 397 -16.44 -40.22 -1.24
CA PRO B 397 -17.51 -41.01 -0.64
C PRO B 397 -18.27 -40.24 0.43
N GLY B 398 -19.59 -40.42 0.45
CA GLY B 398 -20.42 -39.79 1.45
C GLY B 398 -20.81 -38.36 1.17
N CYS B 399 -20.54 -37.87 -0.04
CA CYS B 399 -20.83 -36.49 -0.37
C CYS B 399 -22.34 -36.27 -0.44
N ARG B 400 -22.79 -35.13 0.07
CA ARG B 400 -24.20 -34.75 0.04
C ARG B 400 -24.36 -33.53 -0.86
N THR B 401 -25.11 -33.70 -1.95
CA THR B 401 -25.28 -32.66 -2.94
C THR B 401 -26.77 -32.42 -3.16
N GLN B 402 -27.14 -31.14 -3.25
CA GLN B 402 -28.49 -30.74 -3.63
C GLN B 402 -28.33 -29.76 -4.79
N THR B 403 -28.61 -30.22 -6.00
CA THR B 403 -28.35 -29.40 -7.17
C THR B 403 -29.23 -29.85 -8.33
N ARG B 404 -29.37 -28.95 -9.29
CA ARG B 404 -30.02 -29.22 -10.57
C ARG B 404 -29.02 -29.06 -11.71
N ASP B 405 -27.76 -28.81 -11.36
CA ASP B 405 -26.69 -28.58 -12.32
C ASP B 405 -26.32 -29.90 -12.98
N PRO B 406 -26.48 -30.06 -14.29
CA PRO B 406 -26.07 -31.32 -14.93
C PRO B 406 -24.56 -31.54 -14.94
N ARG B 407 -23.78 -30.46 -14.98
CA ARG B 407 -22.32 -30.59 -14.94
C ARG B 407 -21.86 -31.40 -13.73
N LEU B 408 -22.50 -31.19 -12.59
CA LEU B 408 -22.17 -31.93 -11.38
C LEU B 408 -22.91 -33.27 -11.36
N GLN B 416 -15.00 -34.23 -17.24
CA GLN B 416 -14.13 -34.63 -16.14
C GLN B 416 -12.91 -35.38 -16.65
N ARG B 417 -13.09 -36.15 -17.73
CA ARG B 417 -12.00 -36.90 -18.31
C ARG B 417 -10.93 -36.00 -18.94
N VAL B 418 -11.29 -34.76 -19.29
CA VAL B 418 -10.31 -33.85 -19.88
C VAL B 418 -9.60 -33.02 -18.82
N THR B 419 -10.31 -32.61 -17.76
CA THR B 419 -9.65 -31.87 -16.68
C THR B 419 -8.59 -32.74 -16.02
N ASP B 420 -8.87 -34.03 -15.84
CA ASP B 420 -7.85 -34.95 -15.32
C ASP B 420 -6.67 -35.05 -16.27
N LEU B 421 -6.92 -34.95 -17.58
CA LEU B 421 -5.82 -34.96 -18.54
C LEU B 421 -5.04 -33.65 -18.49
N VAL B 422 -5.73 -32.52 -18.38
CA VAL B 422 -5.06 -31.23 -18.24
C VAL B 422 -4.21 -31.21 -16.98
N GLY B 423 -4.78 -31.65 -15.86
CA GLY B 423 -4.04 -31.64 -14.60
C GLY B 423 -2.79 -32.48 -14.65
N LEU B 424 -2.89 -33.68 -15.24
CA LEU B 424 -1.73 -34.55 -15.36
C LEU B 424 -0.62 -33.88 -16.17
N THR B 425 -0.99 -33.29 -17.31
CA THR B 425 0.00 -32.61 -18.15
C THR B 425 0.56 -31.37 -17.48
N ALA B 426 -0.25 -30.69 -16.66
CA ALA B 426 0.21 -29.47 -16.02
C ALA B 426 1.33 -29.72 -15.01
N THR B 427 1.45 -30.93 -14.50
CA THR B 427 2.54 -31.23 -13.57
C THR B 427 3.89 -31.29 -14.26
N ARG B 428 3.93 -31.52 -15.57
CA ARG B 428 5.20 -31.70 -16.28
C ARG B 428 5.27 -30.95 -17.59
N ASN B 429 4.44 -29.92 -17.79
CA ASN B 429 4.47 -29.13 -19.01
C ASN B 429 4.28 -27.66 -18.62
N GLN B 430 5.24 -26.83 -19.02
CA GLN B 430 5.27 -25.44 -18.56
C GLN B 430 4.08 -24.65 -19.11
N VAL B 431 3.79 -24.80 -20.40
CA VAL B 431 2.74 -24.01 -21.03
C VAL B 431 1.38 -24.39 -20.48
N VAL B 432 1.15 -25.69 -20.27
CA VAL B 432 -0.11 -26.13 -19.68
C VAL B 432 -0.22 -25.64 -18.24
N ASN B 433 0.86 -25.78 -17.46
CA ASN B 433 0.85 -25.33 -16.07
C ASN B 433 0.57 -23.84 -15.97
N ARG B 434 1.19 -23.04 -16.84
CA ARG B 434 0.94 -21.60 -16.84
C ARG B 434 -0.54 -21.29 -16.99
N ALA B 435 -1.20 -21.94 -17.96
CA ALA B 435 -2.64 -21.75 -18.11
C ALA B 435 -3.41 -22.34 -16.93
N ALA B 436 -2.95 -23.49 -16.42
CA ALA B 436 -3.65 -24.13 -15.31
C ALA B 436 -3.64 -23.25 -14.07
N VAL B 437 -2.47 -22.73 -13.68
CA VAL B 437 -2.39 -21.90 -12.49
C VAL B 437 -2.97 -20.52 -12.72
N ALA B 438 -3.02 -20.05 -13.98
CA ALA B 438 -3.70 -18.79 -14.25
C ALA B 438 -5.19 -18.91 -13.97
N LEU B 439 -5.79 -20.04 -14.34
CA LEU B 439 -7.19 -20.27 -14.02
C LEU B 439 -7.39 -20.55 -12.54
N ASN B 440 -6.46 -21.30 -11.93
CA ASN B 440 -6.69 -21.76 -10.56
C ASN B 440 -6.52 -20.63 -9.55
N THR B 441 -5.70 -19.62 -9.86
CA THR B 441 -5.60 -18.43 -9.04
C THR B 441 -6.65 -17.38 -9.38
N LEU B 442 -7.63 -17.74 -10.21
CA LEU B 442 -8.67 -16.82 -10.68
C LEU B 442 -8.05 -15.60 -11.36
N SER B 443 -7.02 -15.85 -12.17
CA SER B 443 -6.41 -14.83 -13.00
C SER B 443 -6.85 -14.91 -14.45
N ALA B 444 -7.52 -15.99 -14.85
CA ALA B 444 -8.09 -16.14 -16.18
C ALA B 444 -9.36 -16.96 -16.07
N GLY B 445 -10.23 -16.81 -17.07
CA GLY B 445 -11.50 -17.51 -17.07
C GLY B 445 -11.40 -18.97 -17.46
N MET B 446 -12.53 -19.67 -17.27
CA MET B 446 -12.60 -21.09 -17.61
C MET B 446 -12.32 -21.33 -19.09
N ALA B 447 -12.80 -20.44 -19.96
CA ALA B 447 -12.63 -20.60 -21.41
C ALA B 447 -11.17 -20.54 -21.83
N SER B 448 -10.30 -19.93 -21.02
CA SER B 448 -8.88 -19.84 -21.34
C SER B 448 -8.24 -21.20 -21.56
N MET B 449 -8.83 -22.28 -21.02
CA MET B 449 -8.27 -23.62 -21.21
C MET B 449 -8.59 -24.19 -22.59
N GLN B 450 -9.32 -23.46 -23.43
CA GLN B 450 -9.62 -23.88 -24.79
C GLN B 450 -8.86 -23.06 -25.81
N ASP B 451 -8.00 -22.15 -25.37
CA ASP B 451 -7.16 -21.38 -26.27
C ASP B 451 -6.26 -22.33 -27.08
N PRO B 452 -6.14 -22.13 -28.40
CA PRO B 452 -5.41 -23.08 -29.24
C PRO B 452 -3.98 -23.40 -28.79
N ALA B 453 -3.35 -22.49 -28.05
CA ALA B 453 -1.99 -22.73 -27.60
C ALA B 453 -1.92 -23.72 -26.43
N VAL B 454 -3.02 -23.93 -25.72
CA VAL B 454 -3.03 -24.86 -24.60
C VAL B 454 -3.37 -26.28 -25.04
N MET B 455 -4.37 -26.44 -25.91
CA MET B 455 -4.76 -27.78 -26.36
C MET B 455 -3.68 -28.42 -27.21
N ALA B 456 -2.80 -27.62 -27.82
CA ALA B 456 -1.65 -28.17 -28.54
C ALA B 456 -0.58 -28.66 -27.58
N ALA B 457 -0.30 -27.87 -26.54
CA ALA B 457 0.66 -28.29 -25.52
C ALA B 457 0.15 -29.48 -24.72
N VAL B 458 -1.15 -29.58 -24.53
CA VAL B 458 -1.73 -30.73 -23.84
C VAL B 458 -1.49 -32.00 -24.65
N ARG B 459 -1.57 -31.89 -25.98
CA ARG B 459 -1.31 -33.03 -26.83
C ARG B 459 0.19 -33.32 -26.98
N ARG B 460 1.05 -32.33 -26.70
CA ARG B 460 2.48 -32.58 -26.72
C ARG B 460 2.93 -33.38 -25.50
N GLY B 461 2.15 -33.38 -24.43
CA GLY B 461 2.45 -34.19 -23.27
C GLY B 461 3.53 -33.58 -22.40
N PRO B 462 4.05 -34.37 -21.46
CA PRO B 462 5.07 -33.84 -20.55
C PRO B 462 6.38 -33.57 -21.27
N GLU B 463 7.10 -32.56 -20.79
CA GLU B 463 8.42 -32.23 -21.29
C GLU B 463 9.51 -32.40 -20.25
N VAL B 464 9.17 -32.87 -19.05
CA VAL B 464 10.14 -33.17 -18.01
C VAL B 464 9.73 -34.46 -17.31
N PRO B 465 10.70 -35.17 -16.75
CA PRO B 465 10.37 -36.40 -16.02
C PRO B 465 9.53 -36.11 -14.79
N ALA B 466 8.64 -37.05 -14.48
CA ALA B 466 7.87 -36.98 -13.25
C ALA B 466 8.81 -37.14 -12.06
N PRO B 467 8.88 -36.16 -11.15
CA PRO B 467 9.77 -36.30 -9.99
C PRO B 467 9.40 -37.51 -9.14
N THR B 468 10.43 -38.23 -8.71
CA THR B 468 10.30 -39.40 -7.85
C THR B 468 10.49 -39.05 -6.37
N GLU B 469 10.87 -37.80 -6.08
CA GLU B 469 11.21 -37.29 -4.77
C GLU B 469 10.45 -35.99 -4.60
N PRO B 470 10.24 -35.55 -3.37
CA PRO B 470 9.85 -34.15 -3.16
C PRO B 470 10.84 -33.22 -3.83
N PRO B 471 10.38 -32.41 -4.78
CA PRO B 471 11.30 -31.50 -5.50
C PRO B 471 11.79 -30.35 -4.64
N LEU B 472 12.36 -30.65 -3.47
CA LEU B 472 12.91 -29.63 -2.61
C LEU B 472 14.29 -29.20 -3.09
N ARG B 473 14.58 -27.92 -2.94
CA ARG B 473 15.93 -27.46 -3.28
C ARG B 473 16.88 -27.77 -2.13
N PRO B 474 18.12 -28.14 -2.42
CA PRO B 474 19.08 -28.44 -1.34
C PRO B 474 19.23 -27.31 -0.34
N ASP B 475 19.17 -26.05 -0.79
CA ASP B 475 19.26 -24.93 0.13
C ASP B 475 18.02 -24.79 1.01
N GLU B 476 16.89 -25.36 0.58
CA GLU B 476 15.68 -25.33 1.40
C GLU B 476 15.78 -26.31 2.57
N VAL B 477 16.20 -27.55 2.29
CA VAL B 477 16.32 -28.53 3.37
C VAL B 477 17.49 -28.19 4.28
N ALA B 478 18.52 -27.53 3.75
CA ALA B 478 19.67 -27.15 4.56
C ALA B 478 19.27 -26.20 5.70
N ARG B 479 18.24 -25.38 5.48
CA ARG B 479 17.81 -24.41 6.47
C ARG B 479 16.86 -25.00 7.52
N LEU B 480 16.73 -26.33 7.56
CA LEU B 480 15.91 -26.98 8.57
C LEU B 480 16.71 -27.34 9.82
N VAL B 481 18.01 -27.09 9.84
CA VAL B 481 18.84 -27.34 11.02
C VAL B 481 19.68 -26.11 11.30
N SER B 482 19.97 -25.88 12.58
CA SER B 482 20.82 -24.76 12.96
C SER B 482 22.29 -25.01 12.64
N GLY B 483 22.78 -26.21 12.93
CA GLY B 483 24.21 -26.48 12.84
C GLY B 483 25.02 -25.88 13.95
N ALA B 484 24.43 -25.69 15.13
CA ALA B 484 25.11 -24.97 16.21
C ALA B 484 25.98 -25.88 17.08
N GLY B 485 25.56 -27.12 17.31
CA GLY B 485 26.34 -28.06 18.10
C GLY B 485 27.59 -28.57 17.41
N VAL B 486 27.97 -27.91 16.32
CA VAL B 486 29.11 -28.30 15.51
C VAL B 486 30.15 -27.19 15.56
N THR B 487 31.40 -27.56 15.78
CA THR B 487 32.48 -26.59 15.77
C THR B 487 33.36 -26.76 14.53
PA FAD C . 11.81 8.18 -3.93
O1A FAD C . 10.39 7.77 -3.84
O2A FAD C . 12.10 9.47 -4.69
O5B FAD C . 12.64 7.03 -4.55
C5B FAD C . 12.24 5.65 -4.40
C4B FAD C . 12.87 4.83 -5.50
O4B FAD C . 13.17 3.51 -5.00
C3B FAD C . 12.01 4.63 -6.74
O3B FAD C . 12.79 4.64 -7.93
C2B FAD C . 11.36 3.26 -6.48
O2B FAD C . 11.06 2.57 -7.70
C1B FAD C . 12.49 2.53 -5.76
N9A FAD C . 12.02 1.48 -4.84
C8A FAD C . 10.99 1.57 -3.96
N7A FAD C . 10.79 0.47 -3.27
C5A FAD C . 11.76 -0.40 -3.74
C6A FAD C . 12.09 -1.72 -3.41
N6A FAD C . 11.45 -2.45 -2.49
N1A FAD C . 13.12 -2.30 -4.07
C2A FAD C . 13.78 -1.58 -4.99
N3A FAD C . 13.55 -0.32 -5.38
C4A FAD C . 12.53 0.22 -4.72
N1 FAD C . 9.64 16.85 -1.04
C2 FAD C . 10.10 18.13 -1.23
O2 FAD C . 11.27 18.45 -0.98
N3 FAD C . 9.24 19.10 -1.70
C4 FAD C . 7.91 18.92 -2.03
O4 FAD C . 7.25 19.86 -2.46
C4X FAD C . 7.44 17.56 -1.83
N5 FAD C . 6.19 17.29 -2.12
C5X FAD C . 5.74 16.00 -1.92
C6 FAD C . 4.41 15.69 -2.22
C7 FAD C . 3.90 14.41 -2.03
C7M FAD C . 2.47 14.12 -2.36
C8 FAD C . 4.75 13.39 -1.54
C8M FAD C . 4.24 12.00 -1.32
C9 FAD C . 6.07 13.70 -1.23
C9A FAD C . 6.58 14.99 -1.43
N10 FAD C . 7.91 15.32 -1.13
C10 FAD C . 8.37 16.59 -1.32
C1' FAD C . 8.84 14.30 -0.62
C2' FAD C . 9.76 13.73 -1.69
O2' FAD C . 9.02 13.31 -2.82
C3' FAD C . 10.53 12.55 -1.11
O3' FAD C . 11.05 12.91 0.16
C4' FAD C . 11.68 12.05 -1.99
O4' FAD C . 11.13 11.38 -3.13
C5' FAD C . 12.62 11.14 -1.26
O5' FAD C . 13.51 10.53 -2.20
P FAD C . 13.83 8.98 -2.14
O1P FAD C . 14.81 8.64 -3.27
O2P FAD C . 14.25 8.61 -0.77
O3P FAD C . 12.42 8.31 -2.47
CL CL D . 1.65 9.58 -3.52
PA FAD E . -16.50 -12.74 6.51
O1A FAD E . -16.80 -13.88 7.42
O2A FAD E . -15.02 -12.46 6.26
O5B FAD E . -17.16 -11.43 7.04
C5B FAD E . -18.39 -11.46 7.81
C4B FAD E . -18.50 -10.18 8.59
O4B FAD E . -19.90 -9.87 8.79
C3B FAD E . -17.88 -10.20 9.99
O3B FAD E . -17.33 -8.93 10.32
C2B FAD E . -19.06 -10.58 10.87
O2B FAD E . -18.92 -10.09 12.20
C1B FAD E . -20.20 -9.85 10.17
N9A FAD E . -21.51 -10.46 10.36
C8A FAD E . -21.83 -11.79 10.26
N7A FAD E . -23.09 -12.06 10.48
C5A FAD E . -23.65 -10.81 10.74
C6A FAD E . -24.96 -10.40 11.06
N6A FAD E . -26.00 -11.24 11.16
N1A FAD E . -25.17 -9.09 11.27
C2A FAD E . -24.15 -8.24 11.16
N3A FAD E . -22.87 -8.51 10.87
C4A FAD E . -22.69 -9.82 10.67
N1 FAD E . -10.64 -18.12 1.43
C2 FAD E . -9.55 -17.94 0.66
O2 FAD E . -9.55 -17.15 -0.30
N3 FAD E . -8.39 -18.65 0.92
C4 FAD E . -8.22 -19.56 1.95
O4 FAD E . -7.14 -20.12 2.08
C4X FAD E . -9.39 -19.74 2.77
N5 FAD E . -9.31 -20.59 3.78
C5X FAD E . -10.44 -20.76 4.57
C6 FAD E . -10.38 -21.65 5.64
C7 FAD E . -11.49 -21.88 6.45
C7M FAD E . -11.39 -22.85 7.59
C8 FAD E . -12.68 -21.18 6.20
C8M FAD E . -13.89 -21.39 7.07
C9 FAD E . -12.74 -20.28 5.14
C9A FAD E . -11.64 -20.06 4.32
N10 FAD E . -11.67 -19.16 3.24
C10 FAD E . -10.56 -18.98 2.44
C1' FAD E . -12.89 -18.41 2.94
C2' FAD E . -12.87 -16.98 3.46
O2' FAD E . -12.72 -16.97 4.87
C3' FAD E . -14.16 -16.29 3.06
O3' FAD E . -14.38 -16.47 1.66
C4' FAD E . -14.20 -14.79 3.37
O4' FAD E . -14.10 -14.60 4.77
C5' FAD E . -15.46 -14.12 2.83
O5' FAD E . -15.51 -12.77 3.31
P FAD E . -16.87 -12.13 3.80
O1P FAD E . -16.61 -10.67 4.22
O2P FAD E . -17.93 -12.32 2.80
O3P FAD E . -17.19 -12.96 5.11
CL CL F . -14.27 -21.73 11.13
#